data_4R1N
#
_entry.id   4R1N
#
_cell.length_a   146.475
_cell.length_b   146.475
_cell.length_c   202.295
_cell.angle_alpha   90.000
_cell.angle_beta   90.000
_cell.angle_gamma   120.000
#
_symmetry.space_group_name_H-M   'H 3'
#
loop_
_entity.id
_entity.type
_entity.pdbx_description
1 polymer '3-hydroxybutyryl-CoA dehydrogenase'
2 water water
#
_entity_poly.entity_id   1
_entity_poly.type   'polypeptide(L)'
_entity_poly.pdbx_seq_one_letter_code
;MKKVFVLGAGTMGAGIVQAFAAKGCEVIVRDIKEEFVDRGIATITKSLSKLVAKEKITEADKEEILSRISGTTDMKLAAD
CDLVVEAAIENMKIKKEIFAELDGICKPETILASNTSSLSITEVASATKRADKVIGMHFFNPAPVMKLVEVIRGAATSQE
TFDAVKEMSESIGKTPVEVAEAPGFVVNRILIPMINEATFILQEGVAKEEDIDAAMKLGANHPMGPLALGDLIGLDVCLA
IMDVLYNETGDTKYRASSLLRKYVRAGWLGRKTGKGFYDYSK
;
_entity_poly.pdbx_strand_id   A,B,C,D
#
# COMPACT_ATOMS: atom_id res chain seq x y z
N MET A 1 -31.81 5.01 18.67
CA MET A 1 -32.39 4.01 19.58
C MET A 1 -31.99 4.25 21.03
N LYS A 2 -32.89 3.96 21.96
CA LYS A 2 -32.64 4.16 23.39
C LYS A 2 -32.85 2.93 24.24
N LYS A 3 -33.78 2.10 23.78
CA LYS A 3 -34.34 1.04 24.57
C LYS A 3 -34.39 -0.27 23.76
N VAL A 4 -33.78 -1.27 24.35
CA VAL A 4 -33.68 -2.58 23.74
C VAL A 4 -34.32 -3.63 24.67
N PHE A 5 -35.15 -4.45 24.06
CA PHE A 5 -35.70 -5.65 24.68
C PHE A 5 -34.87 -6.93 24.29
N VAL A 6 -34.38 -7.66 25.27
CA VAL A 6 -33.66 -8.93 25.00
C VAL A 6 -34.40 -10.12 25.59
N LEU A 7 -34.67 -11.11 24.75
CA LEU A 7 -35.22 -12.39 25.18
C LEU A 7 -34.10 -13.40 25.48
N GLY A 8 -34.10 -13.90 26.69
CA GLY A 8 -33.17 -14.92 27.08
C GLY A 8 -32.18 -14.31 28.01
N ALA A 9 -32.11 -14.86 29.23
CA ALA A 9 -31.20 -14.36 30.26
C ALA A 9 -30.05 -15.33 30.58
N GLY A 10 -29.94 -16.41 29.80
CA GLY A 10 -28.76 -17.26 29.79
C GLY A 10 -27.54 -16.50 29.32
N THR A 11 -26.46 -17.23 29.04
CA THR A 11 -25.17 -16.62 28.87
C THR A 11 -25.08 -15.68 27.67
N MET A 12 -25.66 -16.04 26.51
CA MET A 12 -25.62 -15.15 25.34
C MET A 12 -26.47 -13.89 25.59
N GLY A 13 -27.74 -14.09 25.93
CA GLY A 13 -28.71 -13.04 26.25
C GLY A 13 -28.15 -12.07 27.29
N ALA A 14 -27.49 -12.56 28.34
CA ALA A 14 -26.85 -11.68 29.31
C ALA A 14 -25.68 -10.90 28.73
N GLY A 15 -24.86 -11.55 27.91
CA GLY A 15 -23.75 -10.83 27.28
C GLY A 15 -24.28 -9.69 26.40
N ILE A 16 -25.36 -10.01 25.74
CA ILE A 16 -25.97 -9.04 24.80
C ILE A 16 -26.62 -7.87 25.57
N VAL A 17 -27.34 -8.17 26.65
CA VAL A 17 -27.84 -7.09 27.53
C VAL A 17 -26.69 -6.17 27.90
N GLN A 18 -25.61 -6.76 28.40
CA GLN A 18 -24.43 -6.02 28.78
C GLN A 18 -23.84 -5.22 27.63
N ALA A 19 -23.75 -5.81 26.44
CA ALA A 19 -23.20 -5.05 25.31
C ALA A 19 -24.03 -3.78 25.01
N PHE A 20 -25.35 -3.87 25.10
CA PHE A 20 -26.18 -2.68 24.88
C PHE A 20 -26.10 -1.67 26.08
N ALA A 21 -26.30 -2.18 27.28
CA ALA A 21 -26.34 -1.30 28.50
C ALA A 21 -25.04 -0.60 28.80
N ALA A 22 -23.92 -1.22 28.46
CA ALA A 22 -22.63 -0.64 28.71
C ALA A 22 -22.39 0.54 27.87
N LYS A 23 -23.09 0.62 26.77
CA LYS A 23 -22.94 1.67 25.87
C LYS A 23 -24.12 2.66 25.91
N GLY A 24 -24.96 2.61 26.94
CA GLY A 24 -25.91 3.72 27.12
C GLY A 24 -27.35 3.37 26.85
N CYS A 25 -27.65 2.18 26.28
CA CYS A 25 -29.03 1.77 26.09
C CYS A 25 -29.69 1.36 27.41
N GLU A 26 -30.99 1.66 27.50
CA GLU A 26 -31.87 1.04 28.43
C GLU A 26 -32.15 -0.35 27.90
N VAL A 27 -32.07 -1.33 28.78
CA VAL A 27 -32.37 -2.69 28.38
C VAL A 27 -33.35 -3.32 29.33
N ILE A 28 -34.38 -3.92 28.76
CA ILE A 28 -35.28 -4.81 29.48
C ILE A 28 -35.00 -6.27 29.00
N VAL A 29 -34.61 -7.13 29.96
CA VAL A 29 -34.33 -8.58 29.71
C VAL A 29 -35.43 -9.45 30.21
N ARG A 30 -35.93 -10.31 29.34
CA ARG A 30 -37.05 -11.10 29.65
C ARG A 30 -36.71 -12.56 29.50
N ASP A 31 -37.10 -13.35 30.51
CA ASP A 31 -37.04 -14.83 30.42
C ASP A 31 -38.30 -15.44 31.05
N ILE A 32 -38.46 -16.77 30.94
CA ILE A 32 -39.71 -17.43 31.36
C ILE A 32 -39.81 -17.70 32.89
N LYS A 33 -38.71 -17.53 33.64
CA LYS A 33 -38.76 -17.55 35.11
C LYS A 33 -37.84 -16.52 35.77
N GLU A 34 -38.20 -16.17 37.00
CA GLU A 34 -37.57 -15.04 37.68
C GLU A 34 -36.15 -15.36 38.13
N GLU A 35 -35.86 -16.62 38.43
CA GLU A 35 -34.50 -17.02 38.81
C GLU A 35 -33.59 -17.04 37.58
N PHE A 36 -34.14 -17.38 36.42
CA PHE A 36 -33.37 -17.24 35.15
C PHE A 36 -32.98 -15.78 34.97
N VAL A 37 -33.97 -14.92 35.15
CA VAL A 37 -33.76 -13.50 35.03
C VAL A 37 -32.72 -13.07 36.05
N ASP A 38 -32.95 -13.42 37.32
CA ASP A 38 -31.97 -13.19 38.37
C ASP A 38 -30.60 -13.73 38.04
N ARG A 39 -30.50 -14.92 37.42
CA ARG A 39 -29.15 -15.47 37.12
C ARG A 39 -28.45 -14.60 36.12
N GLY A 40 -29.22 -14.10 35.16
CA GLY A 40 -28.68 -13.23 34.10
C GLY A 40 -28.10 -11.97 34.67
N ILE A 41 -28.87 -11.31 35.54
CA ILE A 41 -28.39 -10.07 36.16
C ILE A 41 -27.19 -10.31 37.07
N ALA A 42 -27.26 -11.39 37.84
CA ALA A 42 -26.07 -11.92 38.54
C ALA A 42 -24.84 -12.06 37.62
N THR A 43 -25.02 -12.71 36.45
CA THR A 43 -23.92 -12.84 35.48
C THR A 43 -23.35 -11.49 35.05
N ILE A 44 -24.26 -10.58 34.72
CA ILE A 44 -23.80 -9.27 34.25
C ILE A 44 -22.99 -8.57 35.36
N THR A 45 -23.53 -8.61 36.58
CA THR A 45 -22.88 -8.03 37.76
C THR A 45 -21.46 -8.60 38.00
N LYS A 46 -21.32 -9.93 37.94
CA LYS A 46 -19.98 -10.58 37.99
C LYS A 46 -19.05 -9.94 37.00
N SER A 47 -19.55 -9.77 35.77
CA SER A 47 -18.68 -9.45 34.67
C SER A 47 -18.17 -8.03 34.83
N LEU A 48 -19.10 -7.14 35.23
CA LEU A 48 -18.78 -5.75 35.51
C LEU A 48 -17.82 -5.59 36.72
N SER A 49 -18.09 -6.34 37.78
CA SER A 49 -17.18 -6.39 38.94
C SER A 49 -15.76 -6.69 38.50
N LYS A 50 -15.61 -7.69 37.62
CA LYS A 50 -14.31 -8.07 37.06
C LYS A 50 -13.73 -6.96 36.20
N LEU A 51 -14.57 -6.23 35.48
CA LEU A 51 -14.09 -5.03 34.79
C LEU A 51 -13.56 -3.98 35.79
N VAL A 52 -14.28 -3.83 36.90
CA VAL A 52 -13.87 -2.96 38.01
C VAL A 52 -12.60 -3.51 38.68
N ALA A 53 -12.62 -4.77 39.09
CA ALA A 53 -11.38 -5.51 39.47
C ALA A 53 -10.15 -5.07 38.63
N LYS A 54 -10.28 -5.13 37.30
CA LYS A 54 -9.19 -4.78 36.37
C LYS A 54 -9.17 -3.27 36.01
N GLU A 55 -9.92 -2.44 36.74
CA GLU A 55 -9.85 -0.99 36.59
C GLU A 55 -10.12 -0.46 35.17
N LYS A 56 -10.90 -1.19 34.36
CA LYS A 56 -11.32 -0.69 33.04
C LYS A 56 -12.59 0.17 33.15
N ILE A 57 -13.39 -0.08 34.17
CA ILE A 57 -14.47 0.85 34.57
C ILE A 57 -14.47 1.08 36.10
N THR A 58 -15.03 2.22 36.52
CA THR A 58 -15.20 2.56 37.96
C THR A 58 -16.41 1.81 38.52
N GLU A 59 -16.57 1.83 39.84
CA GLU A 59 -17.66 1.12 40.45
C GLU A 59 -18.95 1.93 40.18
N ALA A 60 -18.80 3.22 39.92
CA ALA A 60 -19.94 4.07 39.54
C ALA A 60 -20.46 3.74 38.13
N ASP A 61 -19.53 3.47 37.21
CA ASP A 61 -19.85 2.95 35.87
C ASP A 61 -20.70 1.72 36.06
N LYS A 62 -20.14 0.76 36.80
CA LYS A 62 -20.86 -0.47 37.08
C LYS A 62 -22.30 -0.18 37.48
N GLU A 63 -22.51 0.62 38.54
CA GLU A 63 -23.89 0.95 38.99
C GLU A 63 -24.71 1.61 37.90
N GLU A 64 -24.11 2.53 37.17
CA GLU A 64 -24.84 3.22 36.14
C GLU A 64 -25.34 2.24 35.02
N ILE A 65 -24.48 1.29 34.67
CA ILE A 65 -24.78 0.22 33.71
C ILE A 65 -25.92 -0.61 34.26
N LEU A 66 -25.77 -1.13 35.49
CA LEU A 66 -26.85 -1.94 36.07
C LEU A 66 -28.22 -1.22 36.19
N SER A 67 -28.17 0.10 36.40
CA SER A 67 -29.37 0.87 36.62
C SER A 67 -30.12 1.06 35.30
N ARG A 68 -29.45 0.85 34.17
CA ARG A 68 -30.13 0.84 32.87
C ARG A 68 -30.86 -0.48 32.48
N ILE A 69 -30.67 -1.53 33.28
CA ILE A 69 -31.17 -2.88 33.05
C ILE A 69 -32.32 -3.27 33.98
N SER A 70 -33.41 -3.72 33.42
CA SER A 70 -34.43 -4.28 34.27
C SER A 70 -34.78 -5.65 33.73
N GLY A 71 -35.27 -6.50 34.61
CA GLY A 71 -35.69 -7.86 34.32
C GLY A 71 -37.16 -8.06 34.41
N THR A 72 -37.68 -9.00 33.65
CA THR A 72 -39.10 -9.29 33.61
C THR A 72 -39.34 -10.69 33.04
N THR A 73 -40.56 -11.20 33.19
CA THR A 73 -40.99 -12.44 32.56
C THR A 73 -42.13 -12.17 31.64
N ASP A 74 -42.48 -10.90 31.46
CA ASP A 74 -43.65 -10.56 30.71
C ASP A 74 -43.26 -9.94 29.36
N MET A 75 -43.60 -10.62 28.28
CA MET A 75 -43.36 -10.11 26.92
C MET A 75 -43.89 -8.73 26.61
N LYS A 76 -45.02 -8.40 27.23
CA LYS A 76 -45.68 -7.09 27.07
C LYS A 76 -44.80 -5.91 27.38
N LEU A 77 -43.71 -6.04 28.14
CA LEU A 77 -42.79 -4.91 28.36
C LEU A 77 -41.94 -4.54 27.14
N ALA A 78 -42.15 -5.21 26.00
CA ALA A 78 -41.39 -4.87 24.75
C ALA A 78 -42.01 -3.68 24.04
N ALA A 79 -43.17 -3.22 24.52
CA ALA A 79 -44.02 -2.34 23.74
C ALA A 79 -43.33 -1.10 23.27
N ASP A 80 -42.45 -0.53 24.10
CA ASP A 80 -41.82 0.74 23.81
C ASP A 80 -40.37 0.59 23.37
N CYS A 81 -39.89 -0.65 23.23
CA CYS A 81 -38.51 -0.85 22.76
C CYS A 81 -38.37 -0.54 21.27
N ASP A 82 -37.20 0.00 20.97
CA ASP A 82 -36.86 0.44 19.64
C ASP A 82 -36.35 -0.81 18.83
N LEU A 83 -35.80 -1.75 19.58
CA LEU A 83 -35.14 -2.94 19.01
C LEU A 83 -35.39 -4.07 19.98
N VAL A 84 -35.68 -5.23 19.40
CA VAL A 84 -35.74 -6.45 20.14
C VAL A 84 -34.60 -7.40 19.63
N VAL A 85 -33.86 -8.00 20.57
CA VAL A 85 -32.87 -9.07 20.26
C VAL A 85 -33.34 -10.37 20.92
N GLU A 86 -33.82 -11.30 20.09
CA GLU A 86 -34.25 -12.59 20.59
C GLU A 86 -33.09 -13.58 20.62
N ALA A 87 -32.73 -14.03 21.83
CA ALA A 87 -31.63 -14.95 22.05
C ALA A 87 -32.21 -16.11 22.88
N ALA A 88 -33.32 -16.64 22.40
CA ALA A 88 -34.13 -17.68 23.05
C ALA A 88 -34.02 -19.01 22.23
N ILE A 89 -34.75 -20.04 22.59
CA ILE A 89 -34.35 -21.33 22.04
C ILE A 89 -34.43 -21.42 20.52
N GLU A 90 -33.64 -22.35 20.03
CA GLU A 90 -33.43 -22.50 18.64
C GLU A 90 -34.49 -23.43 18.04
N ASN A 91 -35.77 -23.05 18.07
CA ASN A 91 -36.95 -23.83 17.58
C ASN A 91 -37.92 -22.97 16.80
N MET A 92 -38.29 -23.42 15.61
CA MET A 92 -38.96 -22.56 14.67
C MET A 92 -40.35 -22.24 15.08
N LYS A 93 -41.13 -23.27 15.45
CA LYS A 93 -42.51 -23.06 15.87
C LYS A 93 -42.51 -22.04 17.00
N ILE A 94 -41.63 -22.18 17.98
CA ILE A 94 -41.63 -21.23 19.08
C ILE A 94 -41.08 -19.85 18.65
N LYS A 95 -40.03 -19.77 17.82
CA LYS A 95 -39.57 -18.44 17.33
C LYS A 95 -40.69 -17.72 16.64
N LYS A 96 -41.43 -18.44 15.83
CA LYS A 96 -42.55 -17.83 15.12
C LYS A 96 -43.61 -17.28 16.07
N GLU A 97 -43.85 -18.01 17.15
CA GLU A 97 -44.79 -17.57 18.19
C GLU A 97 -44.32 -16.29 18.91
N ILE A 98 -43.07 -16.30 19.30
CA ILE A 98 -42.43 -15.11 19.93
C ILE A 98 -42.57 -13.90 18.99
N PHE A 99 -42.19 -14.09 17.71
CA PHE A 99 -42.24 -12.96 16.77
C PHE A 99 -43.63 -12.49 16.44
N ALA A 100 -44.59 -13.39 16.29
CA ALA A 100 -46.00 -13.04 16.09
C ALA A 100 -46.53 -12.22 17.29
N GLU A 101 -46.18 -12.66 18.50
CA GLU A 101 -46.60 -11.99 19.71
C GLU A 101 -45.96 -10.56 19.75
N LEU A 102 -44.64 -10.52 19.56
CA LEU A 102 -43.90 -9.29 19.55
C LEU A 102 -44.45 -8.35 18.52
N ASP A 103 -44.88 -8.91 17.37
CA ASP A 103 -45.46 -8.08 16.35
C ASP A 103 -46.73 -7.33 16.90
N GLY A 104 -47.52 -7.99 17.76
CA GLY A 104 -48.80 -7.44 18.28
C GLY A 104 -48.48 -6.41 19.35
N ILE A 105 -47.47 -6.66 20.16
CA ILE A 105 -47.05 -5.79 21.29
C ILE A 105 -46.34 -4.52 20.91
N CYS A 106 -45.38 -4.62 20.04
CA CYS A 106 -44.45 -3.54 19.80
C CYS A 106 -45.09 -2.42 18.98
N LYS A 107 -44.77 -1.19 19.33
CA LYS A 107 -45.07 -0.07 18.46
C LYS A 107 -44.57 -0.38 17.05
N PRO A 108 -45.14 0.27 16.04
CA PRO A 108 -44.81 -0.03 14.67
C PRO A 108 -43.37 0.13 14.24
N GLU A 109 -42.60 1.02 14.86
CA GLU A 109 -41.26 1.25 14.46
C GLU A 109 -40.26 0.14 14.94
N THR A 110 -40.62 -0.66 15.93
CA THR A 110 -39.66 -1.54 16.59
C THR A 110 -39.16 -2.55 15.50
N ILE A 111 -37.84 -2.67 15.43
CA ILE A 111 -37.15 -3.69 14.61
C ILE A 111 -37.09 -4.96 15.45
N LEU A 112 -37.47 -6.11 14.85
CA LEU A 112 -37.40 -7.36 15.61
C LEU A 112 -36.21 -8.23 15.06
N ALA A 113 -35.21 -8.42 15.89
CA ALA A 113 -33.96 -9.09 15.46
C ALA A 113 -33.84 -10.42 16.18
N SER A 114 -33.21 -11.39 15.50
CA SER A 114 -32.91 -12.68 16.17
C SER A 114 -31.42 -12.90 16.16
N ASN A 115 -30.91 -13.43 17.29
CA ASN A 115 -29.55 -13.76 17.46
C ASN A 115 -29.38 -15.23 17.00
N THR A 116 -30.34 -15.80 16.31
CA THR A 116 -30.25 -17.25 15.94
C THR A 116 -28.98 -17.57 15.14
N SER A 117 -28.35 -18.68 15.47
CA SER A 117 -27.28 -19.25 14.61
C SER A 117 -27.88 -20.15 13.48
N SER A 118 -29.02 -20.74 13.75
CA SER A 118 -29.35 -21.86 12.91
C SER A 118 -30.77 -21.89 12.31
N LEU A 119 -31.59 -20.89 12.56
CA LEU A 119 -32.86 -20.92 11.95
C LEU A 119 -32.92 -19.73 10.91
N SER A 120 -33.89 -19.81 10.03
CA SER A 120 -34.15 -18.88 8.97
C SER A 120 -34.88 -17.60 9.46
N ILE A 121 -34.25 -16.46 9.17
CA ILE A 121 -34.76 -15.08 9.57
C ILE A 121 -36.02 -14.92 8.72
N THR A 122 -35.92 -15.24 7.43
CA THR A 122 -37.04 -15.16 6.51
C THR A 122 -38.31 -15.89 7.03
N GLU A 123 -38.14 -17.12 7.49
CA GLU A 123 -39.25 -17.91 7.92
C GLU A 123 -39.85 -17.32 9.21
N VAL A 124 -39.02 -16.88 10.11
CA VAL A 124 -39.51 -16.17 11.31
C VAL A 124 -40.33 -14.95 10.92
N ALA A 125 -39.80 -14.18 9.99
CA ALA A 125 -40.38 -12.86 9.55
C ALA A 125 -41.77 -13.04 9.02
N SER A 126 -41.94 -14.14 8.31
CA SER A 126 -43.20 -14.47 7.70
C SER A 126 -44.34 -14.74 8.67
N ALA A 127 -44.03 -15.01 9.92
CA ALA A 127 -45.03 -15.15 10.98
C ALA A 127 -45.54 -13.78 11.49
N THR A 128 -44.96 -12.69 10.99
CA THR A 128 -45.33 -11.33 11.44
C THR A 128 -45.97 -10.62 10.33
N LYS A 129 -46.60 -9.49 10.60
CA LYS A 129 -46.95 -8.56 9.52
C LYS A 129 -45.99 -7.45 9.36
N ARG A 130 -44.75 -7.63 9.80
CA ARG A 130 -43.73 -6.59 9.60
C ARG A 130 -42.41 -7.21 9.10
N ALA A 131 -42.51 -8.04 8.06
CA ALA A 131 -41.32 -8.78 7.57
C ALA A 131 -40.16 -7.79 7.19
N ASP A 132 -40.50 -6.53 6.80
CA ASP A 132 -39.53 -5.50 6.44
C ASP A 132 -38.63 -5.10 7.59
N LYS A 133 -39.11 -5.33 8.79
CA LYS A 133 -38.45 -4.89 10.05
C LYS A 133 -37.95 -6.05 10.89
N VAL A 134 -37.94 -7.23 10.27
CA VAL A 134 -37.38 -8.43 10.92
C VAL A 134 -35.98 -8.73 10.31
N ILE A 135 -35.02 -9.14 11.15
CA ILE A 135 -33.61 -9.20 10.72
C ILE A 135 -32.85 -10.08 11.70
N GLY A 136 -31.67 -10.58 11.28
CA GLY A 136 -30.73 -11.16 12.17
C GLY A 136 -29.68 -10.20 12.68
N MET A 137 -29.44 -10.26 14.00
CA MET A 137 -28.39 -9.52 14.63
C MET A 137 -27.65 -10.54 15.49
N HIS A 138 -26.54 -11.03 14.95
CA HIS A 138 -25.91 -12.24 15.40
C HIS A 138 -24.60 -11.87 16.06
N PHE A 139 -24.58 -12.01 17.39
CA PHE A 139 -23.45 -11.70 18.24
C PHE A 139 -22.63 -12.97 18.51
N PHE A 140 -21.44 -12.80 19.06
CA PHE A 140 -20.50 -13.89 19.32
C PHE A 140 -20.06 -13.83 20.79
N ASN A 141 -20.03 -15.00 21.42
CA ASN A 141 -19.67 -15.08 22.82
C ASN A 141 -18.15 -14.79 23.08
N PRO A 142 -17.83 -13.95 24.07
CA PRO A 142 -18.73 -13.16 24.88
C PRO A 142 -19.16 -11.86 24.14
N ALA A 143 -20.45 -11.56 24.11
CA ALA A 143 -20.97 -10.43 23.33
C ALA A 143 -20.43 -9.10 23.78
N PRO A 144 -20.20 -8.91 25.11
CA PRO A 144 -19.49 -7.68 25.47
C PRO A 144 -18.15 -7.47 24.78
N VAL A 145 -17.39 -8.53 24.46
CA VAL A 145 -16.02 -8.38 23.98
C VAL A 145 -15.89 -8.55 22.46
N MET A 146 -16.63 -9.50 21.88
CA MET A 146 -16.41 -9.81 20.47
C MET A 146 -16.99 -8.71 19.63
N LYS A 147 -16.19 -8.12 18.74
CA LYS A 147 -16.57 -6.95 17.95
C LYS A 147 -17.59 -7.18 16.84
N LEU A 148 -17.66 -8.40 16.31
CA LEU A 148 -18.47 -8.62 15.14
C LEU A 148 -19.91 -8.73 15.47
N VAL A 149 -20.74 -8.12 14.64
CA VAL A 149 -22.15 -8.55 14.54
C VAL A 149 -22.49 -8.86 13.12
N GLU A 150 -23.01 -10.09 12.92
CA GLU A 150 -23.48 -10.42 11.59
C GLU A 150 -24.94 -9.94 11.51
N VAL A 151 -25.17 -9.08 10.51
CA VAL A 151 -26.41 -8.48 10.27
C VAL A 151 -27.02 -9.17 9.08
N ILE A 152 -27.94 -10.06 9.42
CA ILE A 152 -28.52 -11.03 8.48
C ILE A 152 -29.84 -10.55 7.90
N ARG A 153 -29.84 -10.30 6.62
CA ARG A 153 -31.01 -9.83 5.97
C ARG A 153 -31.81 -11.04 5.49
N GLY A 154 -33.07 -11.14 5.96
CA GLY A 154 -34.05 -12.00 5.35
C GLY A 154 -34.45 -11.53 3.95
N ALA A 155 -35.27 -12.35 3.23
CA ALA A 155 -35.66 -11.98 1.84
C ALA A 155 -36.30 -10.60 1.84
N ALA A 156 -37.11 -10.35 2.87
CA ALA A 156 -37.98 -9.13 2.92
C ALA A 156 -37.39 -8.04 3.73
N THR A 157 -36.21 -8.21 4.32
CA THR A 157 -35.70 -7.17 5.23
C THR A 157 -35.40 -5.90 4.41
N SER A 158 -35.91 -4.73 4.84
CA SER A 158 -35.75 -3.52 4.03
C SER A 158 -34.35 -2.94 4.21
N GLN A 159 -33.97 -2.12 3.25
CA GLN A 159 -32.74 -1.35 3.39
C GLN A 159 -32.75 -0.49 4.62
N GLU A 160 -33.87 0.18 4.89
CA GLU A 160 -33.96 1.02 6.06
C GLU A 160 -33.76 0.22 7.33
N THR A 161 -34.37 -0.97 7.43
CA THR A 161 -34.14 -1.80 8.63
C THR A 161 -32.62 -2.22 8.75
N PHE A 162 -32.02 -2.64 7.62
CA PHE A 162 -30.60 -2.97 7.59
C PHE A 162 -29.74 -1.79 8.11
N ASP A 163 -29.96 -0.62 7.53
CA ASP A 163 -29.16 0.56 7.89
C ASP A 163 -29.29 0.90 9.36
N ALA A 164 -30.50 0.78 9.91
CA ALA A 164 -30.72 1.06 11.32
C ALA A 164 -29.96 0.10 12.21
N VAL A 165 -29.89 -1.17 11.80
CA VAL A 165 -29.20 -2.16 12.61
C VAL A 165 -27.70 -2.02 12.45
N LYS A 166 -27.27 -1.68 11.25
CA LYS A 166 -25.88 -1.35 11.01
C LYS A 166 -25.41 -0.21 11.94
N GLU A 167 -26.24 0.83 12.01
CA GLU A 167 -25.93 2.02 12.87
C GLU A 167 -25.99 1.69 14.34
N MET A 168 -26.98 0.92 14.75
CA MET A 168 -26.99 0.47 16.13
C MET A 168 -25.77 -0.26 16.53
N SER A 169 -25.27 -1.17 15.64
CA SER A 169 -24.08 -1.95 15.92
C SER A 169 -22.87 -1.06 16.14
N GLU A 170 -22.71 -0.13 15.25
CA GLU A 170 -21.63 0.84 15.32
C GLU A 170 -21.80 1.67 16.58
N SER A 171 -23.04 2.03 16.95
CA SER A 171 -23.25 2.80 18.20
C SER A 171 -22.88 2.03 19.46
N ILE A 172 -22.97 0.69 19.49
CA ILE A 172 -22.50 -0.02 20.65
C ILE A 172 -21.04 -0.54 20.48
N GLY A 173 -20.29 0.02 19.54
CA GLY A 173 -18.87 -0.28 19.40
C GLY A 173 -18.54 -1.56 18.60
N LYS A 174 -19.50 -2.10 17.87
CA LYS A 174 -19.32 -3.37 17.16
C LYS A 174 -19.07 -3.05 15.68
N THR A 175 -18.57 -4.05 14.97
CA THR A 175 -18.43 -3.96 13.51
C THR A 175 -19.51 -4.84 12.84
N PRO A 176 -20.46 -4.21 12.18
CA PRO A 176 -21.47 -5.02 11.47
C PRO A 176 -21.03 -5.46 10.09
N VAL A 177 -21.39 -6.69 9.66
CA VAL A 177 -21.20 -7.10 8.27
C VAL A 177 -22.51 -7.53 7.71
N GLU A 178 -22.77 -7.13 6.49
CA GLU A 178 -23.95 -7.49 5.80
C GLU A 178 -23.92 -8.89 5.27
N VAL A 179 -24.92 -9.66 5.64
CA VAL A 179 -25.01 -11.05 5.18
C VAL A 179 -26.37 -11.27 4.53
N ALA A 180 -26.44 -11.75 3.30
CA ALA A 180 -27.77 -12.23 2.76
C ALA A 180 -28.06 -13.65 3.23
N GLU A 181 -29.21 -13.85 3.89
CA GLU A 181 -29.46 -15.05 4.65
C GLU A 181 -29.11 -16.32 3.82
N ALA A 182 -28.31 -17.18 4.40
CA ALA A 182 -27.99 -18.51 3.78
C ALA A 182 -27.44 -19.34 4.94
N PRO A 183 -27.32 -20.69 4.77
CA PRO A 183 -27.03 -21.50 5.92
C PRO A 183 -25.70 -21.23 6.56
N GLY A 184 -25.72 -21.04 7.87
CA GLY A 184 -24.52 -20.75 8.69
C GLY A 184 -23.95 -19.32 8.56
N PHE A 185 -24.60 -18.51 7.75
CA PHE A 185 -24.22 -17.11 7.48
C PHE A 185 -22.79 -17.10 7.03
N VAL A 186 -21.91 -16.37 7.70
CA VAL A 186 -20.50 -16.43 7.28
C VAL A 186 -19.73 -17.19 8.31
N VAL A 187 -19.74 -16.70 9.54
CA VAL A 187 -18.81 -17.25 10.53
C VAL A 187 -18.96 -18.76 10.76
N ASN A 188 -20.16 -19.19 11.08
CA ASN A 188 -20.35 -20.54 11.48
C ASN A 188 -20.24 -21.53 10.29
N ARG A 189 -20.60 -21.06 9.13
CA ARG A 189 -20.43 -21.80 7.92
C ARG A 189 -18.96 -22.20 7.67
N ILE A 190 -18.04 -21.30 8.04
CA ILE A 190 -16.63 -21.61 7.86
C ILE A 190 -16.08 -22.32 9.06
N LEU A 191 -16.35 -21.76 10.23
CA LEU A 191 -15.78 -22.25 11.47
C LEU A 191 -16.21 -23.65 11.90
N ILE A 192 -17.51 -23.97 11.89
CA ILE A 192 -17.96 -25.22 12.48
C ILE A 192 -17.49 -26.42 11.62
N PRO A 193 -17.50 -26.31 10.29
CA PRO A 193 -17.00 -27.43 9.50
C PRO A 193 -15.51 -27.65 9.69
N MET A 194 -14.75 -26.62 10.11
CA MET A 194 -13.33 -26.85 10.46
C MET A 194 -13.20 -27.77 11.69
N ILE A 195 -14.06 -27.51 12.65
CA ILE A 195 -14.09 -28.32 13.83
C ILE A 195 -14.48 -29.75 13.51
N ASN A 196 -15.53 -29.89 12.71
CA ASN A 196 -15.98 -31.20 12.23
C ASN A 196 -14.89 -31.92 11.44
N GLU A 197 -14.09 -31.16 10.67
CA GLU A 197 -12.96 -31.76 9.96
C GLU A 197 -11.91 -32.32 10.92
N ALA A 198 -11.62 -31.56 11.98
CA ALA A 198 -10.75 -32.11 13.04
C ALA A 198 -11.25 -33.38 13.65
N THR A 199 -12.58 -33.47 13.83
CA THR A 199 -13.15 -34.69 14.36
C THR A 199 -13.02 -35.87 13.37
N PHE A 200 -13.11 -35.64 12.05
CA PHE A 200 -12.81 -36.70 11.06
C PHE A 200 -11.38 -37.17 11.12
N ILE A 201 -10.48 -36.22 11.20
CA ILE A 201 -9.04 -36.50 11.31
C ILE A 201 -8.76 -37.35 12.54
N LEU A 202 -9.39 -37.01 13.66
CA LEU A 202 -9.37 -37.85 14.85
C LEU A 202 -9.98 -39.24 14.61
N GLN A 203 -11.23 -39.28 14.07
CA GLN A 203 -11.93 -40.52 13.79
C GLN A 203 -11.09 -41.49 12.91
N GLU A 204 -10.34 -40.92 11.96
CA GLU A 204 -9.65 -41.70 10.97
C GLU A 204 -8.20 -42.09 11.43
N GLY A 205 -7.83 -41.83 12.69
CA GLY A 205 -6.53 -42.23 13.14
C GLY A 205 -5.39 -41.40 12.59
N VAL A 206 -5.64 -40.21 12.11
CA VAL A 206 -4.63 -39.45 11.43
C VAL A 206 -3.64 -38.82 12.43
N ALA A 207 -4.19 -38.28 13.49
CA ALA A 207 -3.44 -37.65 14.58
C ALA A 207 -4.27 -37.61 15.82
N LYS A 208 -3.62 -37.50 16.98
CA LYS A 208 -4.34 -37.45 18.27
C LYS A 208 -4.73 -35.98 18.59
N GLU A 209 -5.59 -35.81 19.58
CA GLU A 209 -6.28 -34.61 19.90
C GLU A 209 -5.30 -33.43 20.05
N GLU A 210 -4.33 -33.61 20.94
CA GLU A 210 -3.39 -32.47 21.22
C GLU A 210 -2.53 -32.10 19.99
N ASP A 211 -2.18 -33.06 19.16
CA ASP A 211 -1.41 -32.77 17.98
C ASP A 211 -2.26 -32.00 16.92
N ILE A 212 -3.54 -32.37 16.79
CA ILE A 212 -4.48 -31.64 15.95
C ILE A 212 -4.53 -30.18 16.38
N ASP A 213 -4.67 -29.94 17.68
CA ASP A 213 -4.82 -28.59 18.13
C ASP A 213 -3.49 -27.83 18.01
N ALA A 214 -2.37 -28.46 18.35
CA ALA A 214 -1.05 -27.78 18.22
C ALA A 214 -0.83 -27.40 16.74
N ALA A 215 -1.23 -28.30 15.86
CA ALA A 215 -1.06 -28.04 14.41
C ALA A 215 -1.72 -26.76 13.99
N MET A 216 -2.97 -26.53 14.43
CA MET A 216 -3.69 -25.37 13.93
C MET A 216 -3.14 -24.13 14.61
N LYS A 217 -2.77 -24.26 15.87
CA LYS A 217 -2.22 -23.05 16.55
C LYS A 217 -0.87 -22.69 16.01
N LEU A 218 -0.02 -23.69 15.78
CA LEU A 218 1.41 -23.39 15.45
C LEU A 218 1.64 -23.36 13.95
N GLY A 219 0.74 -24.01 13.19
CA GLY A 219 0.79 -23.96 11.77
C GLY A 219 -0.04 -22.93 11.05
N ALA A 220 -1.16 -22.48 11.62
CA ALA A 220 -1.96 -21.51 10.94
C ALA A 220 -2.16 -20.33 11.82
N ASN A 221 -1.50 -20.29 12.99
CA ASN A 221 -1.65 -19.14 13.89
C ASN A 221 -3.02 -18.92 14.44
N HIS A 222 -3.78 -20.00 14.60
CA HIS A 222 -5.08 -19.90 15.19
C HIS A 222 -4.97 -19.71 16.71
N PRO A 223 -5.90 -18.95 17.29
CA PRO A 223 -5.79 -18.58 18.70
C PRO A 223 -6.07 -19.78 19.59
N MET A 224 -6.84 -20.75 19.06
CA MET A 224 -7.13 -22.03 19.74
C MET A 224 -7.20 -23.16 18.72
N GLY A 225 -6.87 -24.38 19.13
CA GLY A 225 -7.04 -25.54 18.29
C GLY A 225 -8.54 -25.86 18.11
N PRO A 226 -8.89 -26.49 16.98
CA PRO A 226 -10.32 -26.72 16.70
C PRO A 226 -11.08 -27.59 17.71
N LEU A 227 -10.42 -28.61 18.28
CA LEU A 227 -11.11 -29.47 19.22
C LEU A 227 -11.36 -28.76 20.55
N ALA A 228 -10.34 -28.04 21.03
CA ALA A 228 -10.51 -27.21 22.19
C ALA A 228 -11.59 -26.19 21.99
N LEU A 229 -11.65 -25.61 20.79
CA LEU A 229 -12.68 -24.64 20.44
C LEU A 229 -14.08 -25.32 20.45
N GLY A 230 -14.19 -26.52 19.91
CA GLY A 230 -15.46 -27.20 19.98
C GLY A 230 -15.93 -27.36 21.42
N ASP A 231 -15.01 -27.70 22.30
CA ASP A 231 -15.29 -27.85 23.73
C ASP A 231 -15.77 -26.53 24.35
N LEU A 232 -15.24 -25.43 23.85
CA LEU A 232 -15.65 -24.14 24.34
C LEU A 232 -17.05 -23.78 23.81
N ILE A 233 -17.26 -23.96 22.51
CA ILE A 233 -18.52 -23.60 21.89
C ILE A 233 -19.62 -24.53 22.38
N GLY A 234 -19.24 -25.79 22.64
CA GLY A 234 -20.19 -26.86 22.97
C GLY A 234 -20.36 -27.82 21.82
N LEU A 235 -20.12 -29.11 22.06
CA LEU A 235 -20.14 -30.08 20.96
C LEU A 235 -21.59 -30.25 20.44
N ASP A 236 -22.55 -30.12 21.37
CA ASP A 236 -23.98 -30.16 21.02
C ASP A 236 -24.26 -29.07 20.01
N VAL A 237 -23.75 -27.87 20.28
CA VAL A 237 -23.99 -26.73 19.40
C VAL A 237 -23.29 -26.98 18.04
N CYS A 238 -22.03 -27.47 18.08
CA CYS A 238 -21.33 -27.85 16.83
C CYS A 238 -22.16 -28.82 15.95
N LEU A 239 -22.62 -29.89 16.56
CA LEU A 239 -23.38 -30.95 15.86
C LEU A 239 -24.67 -30.36 15.27
N ALA A 240 -25.37 -29.56 16.09
CA ALA A 240 -26.60 -28.91 15.63
C ALA A 240 -26.36 -28.08 14.37
N ILE A 241 -25.28 -27.34 14.34
CA ILE A 241 -24.98 -26.45 13.24
C ILE A 241 -24.59 -27.26 12.01
N MET A 242 -23.78 -28.33 12.18
CA MET A 242 -23.49 -29.19 11.01
C MET A 242 -24.79 -29.79 10.51
N ASP A 243 -25.69 -30.17 11.40
CA ASP A 243 -26.95 -30.74 10.95
C ASP A 243 -27.83 -29.75 10.24
N VAL A 244 -27.89 -28.50 10.69
CA VAL A 244 -28.60 -27.47 9.91
C VAL A 244 -27.99 -27.23 8.53
N LEU A 245 -26.66 -27.09 8.44
CA LEU A 245 -26.04 -26.90 7.15
C LEU A 245 -26.39 -28.06 6.23
N TYR A 246 -26.23 -29.29 6.73
CA TYR A 246 -26.57 -30.46 5.92
C TYR A 246 -28.06 -30.48 5.51
N ASN A 247 -28.96 -30.28 6.47
CA ASN A 247 -30.40 -30.40 6.16
C ASN A 247 -30.81 -29.27 5.26
N GLU A 248 -30.27 -28.08 5.43
CA GLU A 248 -30.66 -26.96 4.56
C GLU A 248 -30.16 -27.10 3.16
N THR A 249 -28.93 -27.56 2.97
CA THR A 249 -28.26 -27.58 1.62
C THR A 249 -28.47 -28.86 0.89
N GLY A 250 -28.83 -29.92 1.63
CA GLY A 250 -28.82 -31.27 1.02
C GLY A 250 -27.43 -31.72 0.56
N ASP A 251 -26.35 -31.09 1.02
CA ASP A 251 -25.00 -31.32 0.55
C ASP A 251 -24.22 -32.08 1.61
N THR A 252 -23.85 -33.32 1.25
CA THR A 252 -23.10 -34.26 2.05
C THR A 252 -21.72 -33.74 2.51
N LYS A 253 -21.26 -32.69 1.86
CA LYS A 253 -20.16 -31.94 2.34
C LYS A 253 -20.22 -31.54 3.82
N TYR A 254 -21.42 -31.19 4.30
CA TYR A 254 -21.68 -30.78 5.67
C TYR A 254 -22.12 -31.93 6.62
N ARG A 255 -21.84 -33.18 6.26
CA ARG A 255 -22.20 -34.27 7.16
C ARG A 255 -21.33 -34.27 8.39
N ALA A 256 -21.96 -34.33 9.55
CA ALA A 256 -21.21 -34.49 10.82
C ALA A 256 -20.51 -35.82 10.90
N SER A 257 -19.32 -35.86 11.51
CA SER A 257 -18.73 -37.16 11.74
C SER A 257 -19.58 -37.95 12.74
N SER A 258 -19.50 -39.27 12.62
CA SER A 258 -20.11 -40.15 13.63
C SER A 258 -19.47 -39.94 15.03
N LEU A 259 -18.18 -39.61 15.05
CA LEU A 259 -17.49 -39.43 16.27
C LEU A 259 -18.11 -38.23 17.04
N LEU A 260 -18.33 -37.09 16.36
CA LEU A 260 -19.03 -35.93 16.97
C LEU A 260 -20.39 -36.29 17.50
N ARG A 261 -21.16 -37.04 16.70
CA ARG A 261 -22.50 -37.49 17.19
C ARG A 261 -22.42 -38.33 18.45
N LYS A 262 -21.45 -39.20 18.51
CA LYS A 262 -21.29 -40.10 19.66
C LYS A 262 -20.91 -39.33 20.92
N TYR A 263 -20.01 -38.35 20.80
CA TYR A 263 -19.67 -37.54 21.96
C TYR A 263 -20.87 -36.78 22.51
N VAL A 264 -21.69 -36.22 21.62
CA VAL A 264 -22.89 -35.52 22.02
C VAL A 264 -23.81 -36.51 22.71
N ARG A 265 -23.98 -37.72 22.17
CA ARG A 265 -24.90 -38.68 22.79
C ARG A 265 -24.42 -39.14 24.17
N ALA A 266 -23.11 -39.06 24.39
CA ALA A 266 -22.50 -39.40 25.71
C ALA A 266 -22.73 -38.27 26.77
N GLY A 267 -23.24 -37.14 26.36
CA GLY A 267 -23.21 -35.93 27.22
C GLY A 267 -21.78 -35.35 27.44
N TRP A 268 -20.83 -35.69 26.56
CA TRP A 268 -19.50 -35.09 26.59
C TRP A 268 -19.52 -33.86 25.73
N LEU A 269 -20.15 -32.83 26.26
CA LEU A 269 -20.44 -31.63 25.51
C LEU A 269 -19.35 -30.59 25.49
N GLY A 270 -18.31 -30.79 26.27
CA GLY A 270 -17.24 -29.83 26.31
C GLY A 270 -17.03 -29.25 27.72
N ARG A 271 -16.64 -27.99 27.78
CA ARG A 271 -16.35 -27.38 29.09
C ARG A 271 -17.54 -27.37 30.03
N LYS A 272 -18.69 -27.03 29.50
CA LYS A 272 -19.89 -26.96 30.32
C LYS A 272 -20.34 -28.28 30.99
N THR A 273 -19.84 -29.41 30.58
CA THR A 273 -20.13 -30.65 31.29
C THR A 273 -18.88 -31.21 31.90
N GLY A 274 -17.79 -30.48 31.89
CA GLY A 274 -16.51 -31.00 32.41
C GLY A 274 -15.82 -32.03 31.54
N LYS A 275 -16.30 -32.27 30.30
CA LYS A 275 -15.69 -33.26 29.43
C LYS A 275 -16.27 -33.14 28.00
N GLY A 276 -15.35 -32.99 27.02
CA GLY A 276 -15.65 -33.08 25.57
C GLY A 276 -14.52 -33.90 24.94
N PHE A 277 -13.84 -33.29 23.97
CA PHE A 277 -12.60 -33.87 23.42
C PHE A 277 -11.55 -33.95 24.53
N TYR A 278 -11.58 -33.02 25.49
CA TYR A 278 -10.71 -33.06 26.66
C TYR A 278 -11.50 -33.17 27.95
N ASP A 279 -10.82 -33.64 29.01
CA ASP A 279 -11.32 -33.52 30.39
C ASP A 279 -11.06 -32.19 31.03
N TYR A 280 -12.04 -31.59 31.68
CA TYR A 280 -11.81 -30.36 32.41
C TYR A 280 -11.90 -30.66 33.98
N SER A 281 -12.03 -29.66 34.84
CA SER A 281 -11.90 -29.91 36.32
C SER A 281 -12.79 -28.99 37.21
N LYS A 282 -12.32 -28.64 38.42
CA LYS A 282 -13.10 -27.82 39.40
C LYS A 282 -14.41 -27.20 38.86
N MET B 1 21.45 -35.57 15.46
CA MET B 1 21.93 -35.36 14.07
C MET B 1 22.63 -34.01 14.04
N LYS B 2 23.57 -33.83 13.13
CA LYS B 2 24.36 -32.58 13.08
C LYS B 2 24.45 -31.99 11.67
N LYS B 3 24.30 -32.85 10.65
CA LYS B 3 24.57 -32.47 9.29
C LYS B 3 23.32 -32.76 8.42
N VAL B 4 22.83 -31.73 7.74
CA VAL B 4 21.58 -31.79 7.04
C VAL B 4 21.79 -31.33 5.63
N PHE B 5 21.22 -32.04 4.69
CA PHE B 5 21.23 -31.72 3.28
C PHE B 5 19.81 -31.36 2.84
N VAL B 6 19.63 -30.20 2.22
CA VAL B 6 18.33 -29.72 1.78
C VAL B 6 18.39 -29.63 0.28
N LEU B 7 17.49 -30.30 -0.43
CA LEU B 7 17.41 -30.15 -1.90
C LEU B 7 16.38 -29.14 -2.31
N GLY B 8 16.83 -28.13 -3.05
CA GLY B 8 15.99 -27.06 -3.50
C GLY B 8 16.27 -25.78 -2.79
N ALA B 9 16.51 -24.73 -3.56
CA ALA B 9 16.90 -23.43 -3.05
C ALA B 9 15.86 -22.42 -3.40
N GLY B 10 14.63 -22.86 -3.76
CA GLY B 10 13.49 -21.96 -3.81
C GLY B 10 13.13 -21.51 -2.42
N THR B 11 12.00 -20.81 -2.32
CA THR B 11 11.58 -20.19 -1.08
C THR B 11 11.52 -21.09 0.15
N MET B 12 10.89 -22.25 0.01
CA MET B 12 10.75 -23.19 1.10
C MET B 12 12.08 -23.84 1.42
N GLY B 13 12.80 -24.34 0.41
CA GLY B 13 14.10 -24.94 0.67
C GLY B 13 15.03 -24.00 1.44
N ALA B 14 15.12 -22.76 0.96
CA ALA B 14 15.98 -21.74 1.63
C ALA B 14 15.49 -21.47 3.08
N GLY B 15 14.15 -21.40 3.27
CA GLY B 15 13.63 -21.13 4.60
C GLY B 15 13.98 -22.27 5.58
N ILE B 16 13.93 -23.50 5.08
CA ILE B 16 14.23 -24.68 5.86
C ILE B 16 15.76 -24.76 6.14
N VAL B 17 16.53 -24.45 5.13
CA VAL B 17 17.97 -24.26 5.36
C VAL B 17 18.23 -23.36 6.57
N GLN B 18 17.67 -22.16 6.54
CA GLN B 18 17.78 -21.24 7.65
C GLN B 18 17.29 -21.80 8.98
N ALA B 19 16.14 -22.52 8.98
CA ALA B 19 15.64 -23.05 10.24
C ALA B 19 16.64 -23.96 10.93
N PHE B 20 17.29 -24.79 10.13
CA PHE B 20 18.29 -25.72 10.65
C PHE B 20 19.57 -24.95 11.04
N ALA B 21 20.06 -24.07 10.17
CA ALA B 21 21.34 -23.36 10.44
C ALA B 21 21.25 -22.44 11.63
N ALA B 22 20.10 -21.77 11.78
CA ALA B 22 19.88 -20.86 12.88
C ALA B 22 20.01 -21.54 14.23
N LYS B 23 19.83 -22.85 14.30
CA LYS B 23 19.91 -23.54 15.56
C LYS B 23 21.19 -24.38 15.65
N GLY B 24 22.13 -24.19 14.72
CA GLY B 24 23.45 -24.72 14.89
C GLY B 24 23.75 -25.94 14.10
N CYS B 25 22.82 -26.44 13.29
CA CYS B 25 23.16 -27.45 12.33
C CYS B 25 24.06 -26.93 11.19
N GLU B 26 24.91 -27.83 10.70
CA GLU B 26 25.62 -27.65 9.47
C GLU B 26 24.74 -28.08 8.32
N VAL B 27 24.54 -27.19 7.37
CA VAL B 27 23.61 -27.44 6.29
C VAL B 27 24.28 -27.22 4.93
N ILE B 28 24.03 -28.17 4.03
CA ILE B 28 24.37 -28.08 2.62
C ILE B 28 23.06 -27.96 1.88
N VAL B 29 22.97 -26.96 1.03
CA VAL B 29 21.82 -26.81 0.16
C VAL B 29 22.24 -27.05 -1.29
N ARG B 30 21.54 -27.94 -1.95
CA ARG B 30 21.79 -28.30 -3.33
C ARG B 30 20.64 -27.88 -4.25
N ASP B 31 20.97 -27.33 -5.41
CA ASP B 31 20.01 -27.16 -6.44
C ASP B 31 20.69 -27.53 -7.76
N ILE B 32 20.02 -27.30 -8.89
CA ILE B 32 20.40 -27.91 -10.16
C ILE B 32 21.36 -27.00 -10.97
N LYS B 33 21.29 -25.69 -10.69
CA LYS B 33 22.11 -24.66 -11.32
C LYS B 33 22.78 -23.82 -10.24
N GLU B 34 23.90 -23.22 -10.60
CA GLU B 34 24.73 -22.50 -9.65
C GLU B 34 23.99 -21.18 -9.27
N GLU B 35 23.22 -20.56 -10.19
CA GLU B 35 22.54 -19.31 -9.76
C GLU B 35 21.30 -19.55 -8.93
N PHE B 36 20.75 -20.77 -8.97
CA PHE B 36 19.66 -21.11 -8.05
C PHE B 36 20.21 -21.20 -6.63
N VAL B 37 21.36 -21.83 -6.49
CA VAL B 37 21.93 -21.98 -5.15
C VAL B 37 22.26 -20.61 -4.61
N ASP B 38 22.85 -19.79 -5.47
CA ASP B 38 23.19 -18.42 -5.06
C ASP B 38 21.94 -17.61 -4.65
N ARG B 39 20.87 -17.67 -5.48
CA ARG B 39 19.56 -17.03 -5.18
C ARG B 39 19.02 -17.39 -3.79
N GLY B 40 19.09 -18.66 -3.47
CA GLY B 40 18.65 -19.10 -2.17
C GLY B 40 19.50 -18.59 -1.03
N ILE B 41 20.82 -18.58 -1.23
CA ILE B 41 21.68 -17.99 -0.22
C ILE B 41 21.36 -16.49 -0.03
N ALA B 42 21.16 -15.79 -1.12
CA ALA B 42 20.82 -14.35 -0.95
C ALA B 42 19.45 -14.19 -0.31
N THR B 43 18.56 -15.15 -0.56
CA THR B 43 17.25 -15.17 0.13
C THR B 43 17.41 -15.30 1.61
N ILE B 44 18.25 -16.24 2.05
CA ILE B 44 18.53 -16.36 3.50
C ILE B 44 19.21 -15.10 4.10
N THR B 45 20.13 -14.53 3.33
CA THR B 45 20.87 -13.37 3.79
C THR B 45 19.95 -12.16 3.99
N LYS B 46 19.04 -11.90 3.05
CA LYS B 46 18.06 -10.79 3.22
C LYS B 46 17.21 -11.06 4.42
N SER B 47 16.73 -12.29 4.52
CA SER B 47 15.90 -12.64 5.67
C SER B 47 16.67 -12.45 7.03
N LEU B 48 17.97 -12.83 7.07
CA LEU B 48 18.72 -12.54 8.30
C LEU B 48 18.91 -11.06 8.51
N SER B 49 19.17 -10.33 7.45
CA SER B 49 19.32 -8.88 7.61
C SER B 49 18.05 -8.26 8.22
N LYS B 50 16.87 -8.72 7.77
CA LYS B 50 15.60 -8.24 8.37
C LYS B 50 15.58 -8.55 9.85
N LEU B 51 15.97 -9.75 10.22
CA LEU B 51 16.07 -10.11 11.64
C LEU B 51 17.01 -9.25 12.49
N VAL B 52 18.10 -8.79 11.87
CA VAL B 52 19.03 -7.85 12.52
C VAL B 52 18.40 -6.47 12.69
N ALA B 53 17.86 -5.90 11.59
CA ALA B 53 17.19 -4.57 11.65
C ALA B 53 16.09 -4.59 12.71
N LYS B 54 15.50 -5.75 12.97
CA LYS B 54 14.48 -5.82 14.00
C LYS B 54 15.06 -6.05 15.38
N GLU B 55 16.39 -6.17 15.44
CA GLU B 55 17.11 -6.38 16.69
C GLU B 55 16.67 -7.70 17.31
N LYS B 56 16.30 -8.65 16.46
CA LYS B 56 16.00 -10.00 16.94
C LYS B 56 17.26 -10.86 17.14
N ILE B 57 18.25 -10.62 16.29
CA ILE B 57 19.55 -11.30 16.36
C ILE B 57 20.56 -10.18 16.10
N THR B 58 21.82 -10.44 16.47
CA THR B 58 22.95 -9.54 16.14
C THR B 58 23.55 -9.83 14.76
N GLU B 59 24.26 -8.84 14.23
CA GLU B 59 25.01 -9.00 13.00
C GLU B 59 26.00 -10.23 13.12
N ALA B 60 26.56 -10.47 14.29
CA ALA B 60 27.41 -11.69 14.53
C ALA B 60 26.62 -12.96 14.34
N ASP B 61 25.40 -12.96 14.86
CA ASP B 61 24.47 -14.09 14.70
C ASP B 61 24.28 -14.34 13.24
N LYS B 62 24.04 -13.28 12.46
CA LYS B 62 23.80 -13.42 11.01
C LYS B 62 24.96 -14.18 10.33
N GLU B 63 26.17 -13.69 10.63
CA GLU B 63 27.35 -14.30 9.99
C GLU B 63 27.61 -15.70 10.45
N GLU B 64 27.35 -15.98 11.71
CA GLU B 64 27.48 -17.35 12.24
C GLU B 64 26.54 -18.36 11.57
N ILE B 65 25.31 -17.91 11.33
CA ILE B 65 24.33 -18.79 10.68
C ILE B 65 24.80 -19.04 9.27
N LEU B 66 25.18 -17.94 8.60
CA LEU B 66 25.67 -18.03 7.23
C LEU B 66 26.86 -18.98 7.16
N SER B 67 27.69 -18.91 8.20
CA SER B 67 28.94 -19.73 8.23
C SER B 67 28.66 -21.20 8.20
N ARG B 68 27.44 -21.58 8.63
CA ARG B 68 27.06 -23.00 8.65
C ARG B 68 26.41 -23.53 7.42
N ILE B 69 26.23 -22.71 6.42
CA ILE B 69 25.51 -23.09 5.26
C ILE B 69 26.44 -23.13 4.06
N SER B 70 26.40 -24.21 3.30
CA SER B 70 27.10 -24.24 2.02
C SER B 70 26.23 -24.71 0.89
N GLY B 71 26.44 -24.09 -0.26
CA GLY B 71 25.75 -24.42 -1.51
C GLY B 71 26.51 -25.43 -2.34
N THR B 72 25.83 -26.12 -3.25
CA THR B 72 26.46 -27.09 -4.15
C THR B 72 25.47 -27.43 -5.22
N THR B 73 25.94 -28.04 -6.31
CA THR B 73 25.04 -28.63 -7.29
C THR B 73 25.21 -30.14 -7.26
N ASP B 74 25.99 -30.62 -6.33
CA ASP B 74 26.39 -32.00 -6.36
C ASP B 74 25.67 -32.83 -5.34
N MET B 75 24.71 -33.63 -5.80
CA MET B 75 23.95 -34.57 -4.93
C MET B 75 24.82 -35.50 -4.10
N LYS B 76 26.02 -35.81 -4.59
CA LYS B 76 26.87 -36.78 -3.88
C LYS B 76 27.30 -36.21 -2.55
N LEU B 77 27.22 -34.90 -2.35
CA LEU B 77 27.50 -34.36 -1.00
C LEU B 77 26.50 -34.72 0.09
N ALA B 78 25.39 -35.38 -0.24
CA ALA B 78 24.46 -35.86 0.79
C ALA B 78 25.06 -37.04 1.52
N ALA B 79 26.09 -37.64 0.91
CA ALA B 79 26.50 -38.99 1.27
C ALA B 79 26.69 -39.13 2.74
N ASP B 80 27.22 -38.11 3.39
CA ASP B 80 27.50 -38.24 4.78
C ASP B 80 26.54 -37.49 5.72
N CYS B 81 25.51 -36.83 5.18
CA CYS B 81 24.56 -36.12 6.07
C CYS B 81 23.62 -37.05 6.89
N ASP B 82 23.16 -36.57 8.05
CA ASP B 82 22.34 -37.38 8.91
C ASP B 82 20.86 -37.36 8.46
N LEU B 83 20.47 -36.30 7.77
CA LEU B 83 19.07 -36.10 7.36
C LEU B 83 19.15 -35.40 6.06
N VAL B 84 18.32 -35.85 5.12
CA VAL B 84 18.03 -35.11 3.94
C VAL B 84 16.57 -34.57 4.02
N VAL B 85 16.36 -33.32 3.69
CA VAL B 85 15.01 -32.77 3.52
C VAL B 85 14.89 -32.29 2.06
N GLU B 86 14.03 -32.96 1.31
CA GLU B 86 13.75 -32.60 -0.06
C GLU B 86 12.62 -31.59 -0.16
N ALA B 87 12.91 -30.47 -0.81
CA ALA B 87 11.93 -29.45 -1.08
C ALA B 87 12.05 -29.05 -2.49
N ALA B 88 11.89 -30.00 -3.38
CA ALA B 88 12.01 -29.75 -4.80
C ALA B 88 10.63 -29.91 -5.37
N ILE B 89 10.53 -30.25 -6.64
CA ILE B 89 9.26 -30.08 -7.29
C ILE B 89 8.24 -31.18 -6.95
N GLU B 90 6.99 -30.80 -7.01
CA GLU B 90 5.92 -31.57 -6.48
C GLU B 90 5.50 -32.50 -7.64
N ASN B 91 6.39 -33.44 -8.02
CA ASN B 91 6.17 -34.40 -9.15
C ASN B 91 6.59 -35.80 -8.77
N MET B 92 5.70 -36.78 -8.87
CA MET B 92 5.98 -38.10 -8.30
C MET B 92 7.09 -38.86 -9.01
N LYS B 93 7.10 -38.83 -10.33
CA LYS B 93 8.14 -39.49 -11.11
C LYS B 93 9.51 -38.93 -10.69
N ILE B 94 9.62 -37.62 -10.63
CA ILE B 94 10.93 -37.02 -10.22
C ILE B 94 11.30 -37.30 -8.76
N LYS B 95 10.32 -37.21 -7.85
CA LYS B 95 10.62 -37.56 -6.46
C LYS B 95 11.10 -38.97 -6.35
N LYS B 96 10.50 -39.90 -7.09
CA LYS B 96 10.91 -41.29 -6.93
C LYS B 96 12.41 -41.40 -7.40
N GLU B 97 12.77 -40.73 -8.51
CA GLU B 97 14.18 -40.66 -9.03
C GLU B 97 15.14 -40.04 -8.01
N ILE B 98 14.75 -38.91 -7.47
CA ILE B 98 15.53 -38.32 -6.40
C ILE B 98 15.79 -39.22 -5.22
N PHE B 99 14.72 -39.78 -4.62
CA PHE B 99 14.89 -40.65 -3.48
C PHE B 99 15.63 -41.93 -3.84
N ALA B 100 15.40 -42.51 -5.01
CA ALA B 100 16.23 -43.73 -5.43
C ALA B 100 17.69 -43.37 -5.50
N GLU B 101 17.96 -42.23 -6.10
CA GLU B 101 19.34 -41.74 -6.15
C GLU B 101 19.95 -41.49 -4.76
N LEU B 102 19.22 -40.78 -3.89
CA LEU B 102 19.68 -40.56 -2.53
C LEU B 102 19.88 -41.86 -1.76
N ASP B 103 19.01 -42.82 -1.98
CA ASP B 103 19.14 -44.07 -1.37
C ASP B 103 20.54 -44.70 -1.73
N GLY B 104 20.96 -44.58 -2.97
CA GLY B 104 22.27 -45.13 -3.46
C GLY B 104 23.41 -44.35 -2.82
N ILE B 105 23.30 -43.02 -2.83
CA ILE B 105 24.35 -42.11 -2.36
C ILE B 105 24.59 -42.16 -0.83
N CYS B 106 23.57 -42.33 -0.01
CA CYS B 106 23.72 -41.96 1.37
C CYS B 106 24.12 -43.14 2.24
N LYS B 107 24.82 -42.87 3.32
CA LYS B 107 25.10 -43.92 4.28
C LYS B 107 23.79 -44.57 4.72
N PRO B 108 23.82 -45.85 5.14
CA PRO B 108 22.62 -46.54 5.66
C PRO B 108 21.83 -45.78 6.74
N GLU B 109 22.51 -44.99 7.56
CA GLU B 109 21.84 -44.38 8.70
C GLU B 109 20.91 -43.24 8.25
N THR B 110 21.13 -42.71 7.05
CA THR B 110 20.56 -41.41 6.70
C THR B 110 19.02 -41.53 6.55
N ILE B 111 18.31 -40.55 7.09
CA ILE B 111 16.84 -40.47 6.97
C ILE B 111 16.51 -39.54 5.83
N LEU B 112 15.62 -39.99 4.94
CA LEU B 112 15.33 -39.24 3.76
C LEU B 112 13.92 -38.66 3.97
N ALA B 113 13.78 -37.34 4.08
CA ALA B 113 12.47 -36.68 4.27
C ALA B 113 12.04 -35.76 3.14
N SER B 114 10.70 -35.60 2.95
CA SER B 114 10.15 -34.74 1.96
C SER B 114 9.33 -33.72 2.67
N ASN B 115 9.43 -32.48 2.20
CA ASN B 115 8.59 -31.40 2.63
C ASN B 115 7.28 -31.37 1.76
N THR B 116 7.02 -32.39 0.97
CA THR B 116 5.82 -32.39 0.09
C THR B 116 4.51 -32.13 0.88
N SER B 117 3.69 -31.28 0.28
CA SER B 117 2.34 -31.01 0.81
C SER B 117 1.32 -31.98 0.16
N SER B 118 1.58 -32.41 -1.05
CA SER B 118 0.54 -33.07 -1.82
C SER B 118 0.82 -34.47 -2.38
N LEU B 119 2.02 -35.02 -2.25
CA LEU B 119 2.33 -36.37 -2.80
C LEU B 119 2.48 -37.37 -1.66
N SER B 120 2.37 -38.67 -1.95
CA SER B 120 2.35 -39.71 -0.92
C SER B 120 3.80 -40.06 -0.53
N ILE B 121 4.12 -39.95 0.73
CA ILE B 121 5.43 -40.33 1.23
C ILE B 121 5.62 -41.84 1.05
N THR B 122 4.56 -42.62 1.32
CA THR B 122 4.58 -44.04 1.10
C THR B 122 4.99 -44.37 -0.34
N GLU B 123 4.42 -43.71 -1.31
CA GLU B 123 4.71 -44.03 -2.69
C GLU B 123 6.17 -43.69 -3.03
N VAL B 124 6.64 -42.55 -2.55
CA VAL B 124 8.06 -42.14 -2.74
C VAL B 124 8.99 -43.18 -2.06
N ALA B 125 8.67 -43.57 -0.82
CA ALA B 125 9.48 -44.51 -0.10
C ALA B 125 9.66 -45.81 -0.83
N SER B 126 8.59 -46.25 -1.49
CA SER B 126 8.63 -47.50 -2.24
C SER B 126 9.65 -47.52 -3.36
N ALA B 127 10.13 -46.37 -3.79
CA ALA B 127 11.17 -46.28 -4.80
C ALA B 127 12.56 -46.43 -4.20
N THR B 128 12.69 -46.66 -2.90
CA THR B 128 13.98 -46.90 -2.26
C THR B 128 14.02 -48.26 -1.61
N LYS B 129 15.19 -48.65 -1.11
CA LYS B 129 15.34 -49.89 -0.34
C LYS B 129 15.46 -49.60 1.12
N ARG B 130 15.00 -48.41 1.48
CA ARG B 130 15.11 -47.87 2.79
C ARG B 130 13.75 -47.26 3.24
N ALA B 131 12.63 -47.88 2.89
CA ALA B 131 11.30 -47.33 3.22
C ALA B 131 11.15 -46.99 4.71
N ASP B 132 11.78 -47.81 5.56
CA ASP B 132 11.74 -47.61 7.03
C ASP B 132 12.33 -46.26 7.46
N LYS B 133 13.19 -45.71 6.60
CA LYS B 133 13.88 -44.43 6.86
C LYS B 133 13.38 -43.24 5.98
N VAL B 134 12.22 -43.38 5.35
CA VAL B 134 11.66 -42.32 4.53
C VAL B 134 10.46 -41.78 5.29
N ILE B 135 10.28 -40.45 5.24
CA ILE B 135 9.33 -39.79 6.16
C ILE B 135 9.02 -38.42 5.59
N GLY B 136 7.91 -37.87 6.03
CA GLY B 136 7.57 -36.52 5.59
C GLY B 136 8.01 -35.61 6.71
N MET B 137 8.58 -34.49 6.33
CA MET B 137 8.91 -33.43 7.31
C MET B 137 8.45 -32.10 6.73
N HIS B 138 7.22 -31.73 7.10
CA HIS B 138 6.45 -30.67 6.46
C HIS B 138 6.48 -29.42 7.30
N PHE B 139 7.17 -28.40 6.77
CA PHE B 139 7.29 -27.10 7.39
C PHE B 139 6.23 -26.15 6.84
N PHE B 140 6.11 -24.99 7.45
CA PHE B 140 5.20 -23.99 7.01
C PHE B 140 5.89 -22.68 6.74
N ASN B 141 5.53 -22.09 5.61
CA ASN B 141 6.07 -20.78 5.23
C ASN B 141 5.66 -19.66 6.19
N PRO B 142 6.61 -18.85 6.72
CA PRO B 142 8.10 -18.91 6.64
C PRO B 142 8.65 -19.94 7.62
N ALA B 143 9.43 -20.88 7.11
CA ALA B 143 9.92 -21.95 7.89
C ALA B 143 10.77 -21.56 9.10
N PRO B 144 11.53 -20.45 9.05
CA PRO B 144 12.29 -20.09 10.25
C PRO B 144 11.37 -19.61 11.33
N VAL B 145 10.20 -19.08 10.97
CA VAL B 145 9.31 -18.50 11.99
C VAL B 145 8.26 -19.50 12.47
N MET B 146 7.63 -20.21 11.53
CA MET B 146 6.53 -21.09 11.92
C MET B 146 7.06 -22.27 12.75
N LYS B 147 6.50 -22.47 13.94
CA LYS B 147 7.00 -23.51 14.87
C LYS B 147 6.63 -24.95 14.61
N LEU B 148 5.58 -25.14 13.81
CA LEU B 148 5.08 -26.49 13.58
C LEU B 148 5.93 -27.21 12.60
N VAL B 149 6.20 -28.49 12.87
CA VAL B 149 6.49 -29.43 11.78
C VAL B 149 5.58 -30.65 11.82
N GLU B 150 4.90 -30.90 10.72
CA GLU B 150 4.10 -32.12 10.63
C GLU B 150 5.05 -33.23 10.18
N VAL B 151 5.21 -34.25 11.04
CA VAL B 151 6.07 -35.38 10.77
C VAL B 151 5.18 -36.54 10.32
N ILE B 152 5.25 -36.83 9.01
CA ILE B 152 4.28 -37.64 8.33
C ILE B 152 4.88 -39.03 8.14
N ARG B 153 4.29 -39.99 8.83
CA ARG B 153 4.70 -41.38 8.68
C ARG B 153 4.02 -42.05 7.49
N GLY B 154 4.82 -42.51 6.53
CA GLY B 154 4.38 -43.39 5.47
C GLY B 154 4.02 -44.71 6.07
N ALA B 155 3.42 -45.60 5.30
CA ALA B 155 3.05 -46.89 5.85
C ALA B 155 4.24 -47.60 6.52
N ALA B 156 5.41 -47.46 5.93
CA ALA B 156 6.61 -48.26 6.37
C ALA B 156 7.61 -47.49 7.25
N THR B 157 7.34 -46.21 7.50
CA THR B 157 8.21 -45.42 8.31
C THR B 157 8.34 -46.04 9.68
N SER B 158 9.57 -46.33 10.14
CA SER B 158 9.71 -47.01 11.44
C SER B 158 9.54 -46.05 12.61
N GLN B 159 9.24 -46.63 13.78
CA GLN B 159 9.18 -45.88 15.00
C GLN B 159 10.51 -45.11 15.27
N GLU B 160 11.62 -45.74 14.91
CA GLU B 160 12.97 -45.22 15.19
C GLU B 160 13.19 -43.99 14.34
N THR B 161 12.80 -44.07 13.07
CA THR B 161 12.86 -42.94 12.19
C THR B 161 11.95 -41.84 12.67
N PHE B 162 10.72 -42.20 13.11
CA PHE B 162 9.85 -41.19 13.64
C PHE B 162 10.50 -40.49 14.87
N ASP B 163 10.99 -41.27 15.83
CA ASP B 163 11.61 -40.70 17.05
C ASP B 163 12.77 -39.72 16.73
N ALA B 164 13.59 -40.08 15.78
CA ALA B 164 14.75 -39.30 15.45
C ALA B 164 14.34 -38.00 14.81
N VAL B 165 13.25 -38.02 14.01
CA VAL B 165 12.83 -36.81 13.39
C VAL B 165 12.10 -35.92 14.36
N LYS B 166 11.34 -36.54 15.27
CA LYS B 166 10.69 -35.82 16.36
C LYS B 166 11.80 -35.09 17.16
N GLU B 167 12.82 -35.85 17.53
CA GLU B 167 14.00 -35.29 18.28
C GLU B 167 14.67 -34.16 17.53
N MET B 168 14.94 -34.38 16.24
CA MET B 168 15.56 -33.33 15.47
C MET B 168 14.70 -32.07 15.45
N SER B 169 13.37 -32.20 15.23
CA SER B 169 12.51 -31.03 15.19
C SER B 169 12.59 -30.22 16.49
N GLU B 170 12.53 -30.92 17.60
CA GLU B 170 12.61 -30.30 18.90
C GLU B 170 13.99 -29.61 19.07
N SER B 171 15.06 -30.22 18.57
CA SER B 171 16.41 -29.61 18.66
C SER B 171 16.50 -28.32 17.88
N ILE B 172 15.72 -28.13 16.80
CA ILE B 172 15.72 -26.87 16.11
C ILE B 172 14.58 -25.97 16.57
N GLY B 173 14.01 -26.23 17.74
CA GLY B 173 13.07 -25.29 18.39
C GLY B 173 11.65 -25.32 17.77
N LYS B 174 11.34 -26.44 17.15
CA LYS B 174 10.04 -26.63 16.46
C LYS B 174 9.22 -27.59 17.27
N THR B 175 7.90 -27.56 17.08
CA THR B 175 7.02 -28.52 17.66
C THR B 175 6.58 -29.57 16.62
N PRO B 176 7.04 -30.82 16.74
CA PRO B 176 6.64 -31.83 15.80
C PRO B 176 5.29 -32.43 16.18
N VAL B 177 4.45 -32.75 15.19
CA VAL B 177 3.22 -33.56 15.43
C VAL B 177 3.23 -34.76 14.58
N GLU B 178 2.85 -35.91 15.14
CA GLU B 178 2.86 -37.18 14.44
C GLU B 178 1.57 -37.29 13.58
N VAL B 179 1.76 -37.55 12.30
CA VAL B 179 0.68 -37.71 11.36
C VAL B 179 0.78 -39.02 10.67
N ALA B 180 -0.24 -39.89 10.74
CA ALA B 180 -0.28 -41.04 9.86
C ALA B 180 -0.71 -40.53 8.44
N GLU B 181 0.14 -40.72 7.41
CA GLU B 181 -0.08 -40.21 6.10
C GLU B 181 -1.59 -40.32 5.69
N ALA B 182 -2.18 -39.18 5.33
CA ALA B 182 -3.51 -39.14 4.73
C ALA B 182 -3.63 -37.81 4.04
N PRO B 183 -4.64 -37.66 3.17
CA PRO B 183 -4.63 -36.49 2.30
C PRO B 183 -4.75 -35.19 3.08
N GLY B 184 -3.83 -34.27 2.80
CA GLY B 184 -3.83 -32.99 3.51
C GLY B 184 -3.21 -32.95 4.89
N PHE B 185 -2.82 -34.11 5.38
CA PHE B 185 -2.27 -34.26 6.74
C PHE B 185 -3.25 -33.63 7.72
N VAL B 186 -2.83 -32.67 8.49
CA VAL B 186 -3.71 -31.99 9.41
C VAL B 186 -3.99 -30.62 8.96
N VAL B 187 -2.94 -29.80 8.89
CA VAL B 187 -3.13 -28.36 8.69
C VAL B 187 -3.84 -28.02 7.41
N ASN B 188 -3.35 -28.53 6.30
CA ASN B 188 -3.95 -28.15 4.99
C ASN B 188 -5.37 -28.73 4.78
N ARG B 189 -5.58 -29.90 5.39
CA ARG B 189 -6.89 -30.56 5.31
C ARG B 189 -7.94 -29.73 5.98
N ILE B 190 -7.58 -29.00 7.05
CA ILE B 190 -8.51 -28.10 7.72
C ILE B 190 -8.50 -26.72 7.07
N LEU B 191 -7.31 -26.16 6.83
CA LEU B 191 -7.17 -24.80 6.39
C LEU B 191 -7.62 -24.49 4.96
N ILE B 192 -7.24 -25.30 4.00
CA ILE B 192 -7.53 -24.96 2.59
C ILE B 192 -9.07 -25.08 2.31
N PRO B 193 -9.76 -26.09 2.85
CA PRO B 193 -11.24 -26.14 2.63
C PRO B 193 -11.93 -24.95 3.32
N MET B 194 -11.33 -24.38 4.38
CA MET B 194 -11.82 -23.12 4.97
C MET B 194 -11.81 -21.98 3.96
N ILE B 195 -10.68 -21.84 3.29
CA ILE B 195 -10.56 -20.81 2.26
C ILE B 195 -11.53 -21.09 1.11
N ASN B 196 -11.58 -22.35 0.71
CA ASN B 196 -12.53 -22.75 -0.33
C ASN B 196 -13.96 -22.45 0.06
N GLU B 197 -14.33 -22.65 1.33
CA GLU B 197 -15.71 -22.36 1.75
C GLU B 197 -15.99 -20.86 1.65
N ALA B 198 -14.97 -20.08 2.01
CA ALA B 198 -15.08 -18.63 1.81
C ALA B 198 -15.34 -18.20 0.32
N THR B 199 -14.77 -18.91 -0.65
CA THR B 199 -14.96 -18.64 -2.03
C THR B 199 -16.40 -19.02 -2.43
N PHE B 200 -16.95 -20.07 -1.81
CA PHE B 200 -18.34 -20.47 -2.12
C PHE B 200 -19.30 -19.38 -1.62
N ILE B 201 -19.02 -18.87 -0.45
CA ILE B 201 -19.81 -17.83 0.17
C ILE B 201 -19.86 -16.61 -0.75
N LEU B 202 -18.70 -16.27 -1.31
CA LEU B 202 -18.58 -15.22 -2.28
C LEU B 202 -19.32 -15.51 -3.55
N GLN B 203 -19.15 -16.71 -4.08
CA GLN B 203 -19.75 -17.07 -5.33
C GLN B 203 -21.28 -17.06 -5.25
N GLU B 204 -21.80 -17.40 -4.07
CA GLU B 204 -23.25 -17.47 -3.86
C GLU B 204 -23.86 -16.16 -3.36
N GLY B 205 -23.12 -15.08 -3.43
CA GLY B 205 -23.67 -13.75 -3.11
C GLY B 205 -24.02 -13.55 -1.65
N VAL B 206 -23.41 -14.27 -0.74
CA VAL B 206 -23.79 -14.21 0.68
C VAL B 206 -23.28 -12.94 1.34
N ALA B 207 -22.03 -12.63 1.05
CA ALA B 207 -21.34 -11.45 1.58
C ALA B 207 -20.20 -11.06 0.64
N LYS B 208 -19.73 -9.83 0.78
CA LYS B 208 -18.57 -9.37 -0.01
C LYS B 208 -17.26 -9.69 0.67
N GLU B 209 -16.19 -9.65 -0.13
CA GLU B 209 -14.84 -10.09 0.25
C GLU B 209 -14.41 -9.52 1.55
N GLU B 210 -14.44 -8.20 1.65
CA GLU B 210 -13.96 -7.56 2.93
C GLU B 210 -14.79 -7.97 4.13
N ASP B 211 -16.08 -8.24 3.92
CA ASP B 211 -16.95 -8.61 4.97
C ASP B 211 -16.71 -10.07 5.43
N ILE B 212 -16.49 -10.95 4.47
CA ILE B 212 -16.07 -12.31 4.82
C ILE B 212 -14.83 -12.31 5.68
N ASP B 213 -13.81 -11.52 5.27
CA ASP B 213 -12.55 -11.55 5.99
C ASP B 213 -12.72 -10.87 7.38
N ALA B 214 -13.42 -9.74 7.45
CA ALA B 214 -13.64 -9.09 8.77
C ALA B 214 -14.45 -10.03 9.68
N ALA B 215 -15.40 -10.78 9.10
CA ALA B 215 -16.12 -11.77 9.92
C ALA B 215 -15.23 -12.76 10.61
N MET B 216 -14.31 -13.38 9.86
CA MET B 216 -13.49 -14.36 10.46
C MET B 216 -12.49 -13.74 11.47
N LYS B 217 -11.97 -12.56 11.18
CA LYS B 217 -11.06 -11.90 12.16
C LYS B 217 -11.74 -11.50 13.41
N LEU B 218 -12.90 -10.88 13.28
CA LEU B 218 -13.53 -10.29 14.42
C LEU B 218 -14.52 -11.21 15.07
N GLY B 219 -14.97 -12.27 14.38
CA GLY B 219 -15.87 -13.25 14.98
C GLY B 219 -15.22 -14.50 15.53
N ALA B 220 -14.09 -14.88 15.00
CA ALA B 220 -13.38 -16.11 15.39
C ALA B 220 -11.96 -15.84 15.84
N ASN B 221 -11.56 -14.58 15.92
CA ASN B 221 -10.19 -14.21 16.24
C ASN B 221 -9.13 -14.84 15.40
N HIS B 222 -9.42 -14.98 14.12
CA HIS B 222 -8.46 -15.43 13.15
C HIS B 222 -7.49 -14.30 12.85
N PRO B 223 -6.22 -14.61 12.67
CA PRO B 223 -5.21 -13.52 12.44
C PRO B 223 -5.34 -12.90 11.05
N MET B 224 -5.92 -13.62 10.12
CA MET B 224 -6.19 -13.10 8.78
C MET B 224 -7.53 -13.69 8.27
N GLY B 225 -8.20 -13.00 7.40
CA GLY B 225 -9.41 -13.50 6.79
C GLY B 225 -9.03 -14.56 5.76
N PRO B 226 -9.99 -15.43 5.44
CA PRO B 226 -9.59 -16.55 4.59
C PRO B 226 -9.29 -16.16 3.12
N LEU B 227 -9.94 -15.13 2.62
CA LEU B 227 -9.67 -14.69 1.22
C LEU B 227 -8.27 -14.06 1.13
N ALA B 228 -7.98 -13.13 2.03
CA ALA B 228 -6.61 -12.65 2.16
C ALA B 228 -5.59 -13.74 2.39
N LEU B 229 -5.92 -14.76 3.18
CA LEU B 229 -5.01 -15.88 3.40
C LEU B 229 -4.76 -16.64 2.13
N GLY B 230 -5.83 -16.88 1.37
CA GLY B 230 -5.70 -17.54 0.10
C GLY B 230 -4.75 -16.75 -0.84
N ASP B 231 -4.93 -15.45 -0.90
CA ASP B 231 -4.04 -14.63 -1.75
C ASP B 231 -2.58 -14.73 -1.26
N LEU B 232 -2.37 -14.88 0.05
CA LEU B 232 -1.03 -15.05 0.61
C LEU B 232 -0.45 -16.41 0.25
N ILE B 233 -1.25 -17.46 0.38
CA ILE B 233 -0.77 -18.81 0.12
C ILE B 233 -0.53 -18.98 -1.36
N GLY B 234 -1.36 -18.34 -2.16
CA GLY B 234 -1.45 -18.48 -3.60
C GLY B 234 -2.71 -19.27 -3.97
N LEU B 235 -3.55 -18.70 -4.82
CA LEU B 235 -4.82 -19.37 -5.16
C LEU B 235 -4.58 -20.60 -5.98
N ASP B 236 -3.47 -20.63 -6.73
CA ASP B 236 -3.05 -21.86 -7.42
C ASP B 236 -2.73 -23.00 -6.47
N VAL B 237 -2.01 -22.70 -5.40
CA VAL B 237 -1.70 -23.64 -4.36
C VAL B 237 -3.00 -24.15 -3.72
N CYS B 238 -3.91 -23.23 -3.42
CA CYS B 238 -5.18 -23.59 -2.76
C CYS B 238 -5.98 -24.53 -3.66
N LEU B 239 -6.09 -24.17 -4.95
CA LEU B 239 -6.84 -24.95 -5.89
C LEU B 239 -6.20 -26.34 -5.99
N ALA B 240 -4.88 -26.39 -5.99
CA ALA B 240 -4.22 -27.66 -6.22
C ALA B 240 -4.49 -28.60 -5.05
N ILE B 241 -4.42 -28.06 -3.85
CA ILE B 241 -4.62 -28.83 -2.62
C ILE B 241 -6.07 -29.36 -2.56
N MET B 242 -7.02 -28.52 -2.93
CA MET B 242 -8.45 -28.99 -2.99
C MET B 242 -8.59 -30.08 -4.03
N ASP B 243 -7.96 -29.92 -5.21
CA ASP B 243 -7.99 -31.01 -6.19
C ASP B 243 -7.35 -32.30 -5.71
N VAL B 244 -6.22 -32.21 -5.06
CA VAL B 244 -5.60 -33.38 -4.41
C VAL B 244 -6.56 -34.05 -3.38
N LEU B 245 -7.21 -33.27 -2.51
CA LEU B 245 -8.07 -33.84 -1.47
C LEU B 245 -9.22 -34.57 -2.17
N TYR B 246 -9.76 -33.96 -3.22
CA TYR B 246 -10.85 -34.54 -3.95
C TYR B 246 -10.45 -35.81 -4.70
N ASN B 247 -9.33 -35.74 -5.38
CA ASN B 247 -8.84 -36.92 -6.13
C ASN B 247 -8.49 -38.08 -5.24
N GLU B 248 -7.80 -37.80 -4.14
CA GLU B 248 -7.41 -38.82 -3.21
C GLU B 248 -8.62 -39.52 -2.53
N THR B 249 -9.57 -38.70 -2.05
CA THR B 249 -10.70 -39.22 -1.27
C THR B 249 -11.88 -39.69 -2.09
N GLY B 250 -12.01 -39.14 -3.31
CA GLY B 250 -13.22 -39.35 -4.09
C GLY B 250 -14.42 -38.67 -3.44
N ASP B 251 -14.18 -37.72 -2.54
CA ASP B 251 -15.29 -37.16 -1.74
C ASP B 251 -15.55 -35.75 -2.22
N THR B 252 -16.78 -35.52 -2.75
CA THR B 252 -17.23 -34.24 -3.31
C THR B 252 -17.32 -33.15 -2.24
N LYS B 253 -17.21 -33.52 -0.97
CA LYS B 253 -16.95 -32.55 0.06
C LYS B 253 -15.78 -31.57 -0.22
N TYR B 254 -14.77 -32.11 -0.87
CA TYR B 254 -13.56 -31.37 -1.19
C TYR B 254 -13.54 -30.71 -2.60
N ARG B 255 -14.70 -30.62 -3.24
CA ARG B 255 -14.73 -30.00 -4.54
C ARG B 255 -14.43 -28.48 -4.50
N ALA B 256 -13.48 -28.04 -5.31
CA ALA B 256 -13.14 -26.59 -5.38
C ALA B 256 -14.29 -25.82 -5.99
N SER B 257 -14.53 -24.59 -5.55
CA SER B 257 -15.51 -23.81 -6.18
C SER B 257 -15.07 -23.46 -7.62
N SER B 258 -16.06 -23.23 -8.45
CA SER B 258 -15.80 -22.79 -9.84
C SER B 258 -15.14 -21.42 -9.81
N LEU B 259 -15.52 -20.61 -8.85
CA LEU B 259 -14.99 -19.24 -8.82
C LEU B 259 -13.45 -19.32 -8.60
N LEU B 260 -13.01 -20.17 -7.71
CA LEU B 260 -11.58 -20.37 -7.46
C LEU B 260 -10.84 -20.83 -8.71
N ARG B 261 -11.43 -21.74 -9.50
CA ARG B 261 -10.82 -22.23 -10.69
C ARG B 261 -10.74 -21.13 -11.70
N LYS B 262 -11.79 -20.29 -11.77
CA LYS B 262 -11.77 -19.12 -12.67
C LYS B 262 -10.67 -18.13 -12.31
N TYR B 263 -10.49 -17.81 -11.04
CA TYR B 263 -9.44 -16.87 -10.65
C TYR B 263 -8.05 -17.38 -11.05
N VAL B 264 -7.81 -18.66 -10.85
CA VAL B 264 -6.51 -19.26 -11.19
C VAL B 264 -6.30 -19.19 -12.69
N ARG B 265 -7.34 -19.53 -13.46
CA ARG B 265 -7.28 -19.41 -14.88
C ARG B 265 -6.98 -17.99 -15.40
N ALA B 266 -7.36 -16.97 -14.65
CA ALA B 266 -7.15 -15.58 -15.01
C ALA B 266 -5.70 -15.20 -14.71
N GLY B 267 -4.98 -16.08 -14.01
CA GLY B 267 -3.68 -15.75 -13.41
C GLY B 267 -3.79 -14.76 -12.25
N TRP B 268 -4.95 -14.71 -11.62
CA TRP B 268 -5.13 -13.89 -10.41
C TRP B 268 -4.83 -14.79 -9.21
N LEU B 269 -3.54 -14.92 -8.93
CA LEU B 269 -3.06 -15.93 -8.02
C LEU B 269 -2.87 -15.40 -6.60
N GLY B 270 -3.02 -14.08 -6.41
CA GLY B 270 -2.97 -13.40 -5.09
C GLY B 270 -1.73 -12.46 -5.10
N ARG B 271 -1.08 -12.35 -3.95
CA ARG B 271 0.05 -11.40 -3.80
C ARG B 271 1.12 -11.55 -4.85
N LYS B 272 1.47 -12.79 -5.21
CA LYS B 272 2.56 -13.03 -6.13
C LYS B 272 2.31 -12.61 -7.55
N THR B 273 1.08 -12.35 -7.94
CA THR B 273 0.84 -11.79 -9.28
C THR B 273 0.25 -10.41 -9.17
N GLY B 274 0.19 -9.88 -7.96
CA GLY B 274 -0.40 -8.57 -7.78
C GLY B 274 -1.89 -8.52 -7.68
N LYS B 275 -2.59 -9.64 -7.89
CA LYS B 275 -4.10 -9.64 -7.88
C LYS B 275 -4.58 -11.08 -7.57
N GLY B 276 -5.44 -11.22 -6.56
CA GLY B 276 -6.24 -12.46 -6.39
C GLY B 276 -7.64 -12.01 -6.00
N PHE B 277 -8.06 -12.37 -4.80
CA PHE B 277 -9.34 -11.81 -4.27
C PHE B 277 -9.26 -10.29 -4.13
N TYR B 278 -8.09 -9.77 -3.82
CA TYR B 278 -7.86 -8.34 -3.65
C TYR B 278 -6.81 -7.91 -4.70
N ASP B 279 -6.80 -6.63 -5.02
CA ASP B 279 -5.84 -6.03 -5.92
C ASP B 279 -4.67 -5.51 -5.10
N TYR B 280 -3.43 -5.94 -5.39
CA TYR B 280 -2.30 -5.49 -4.60
C TYR B 280 -1.60 -4.45 -5.49
N SER B 281 -0.31 -4.24 -5.33
CA SER B 281 0.47 -3.67 -6.43
C SER B 281 1.89 -4.28 -6.35
N LYS B 282 2.93 -3.44 -6.50
CA LYS B 282 4.30 -3.86 -6.20
C LYS B 282 4.87 -2.87 -5.17
N MET C 1 8.81 17.54 23.61
CA MET C 1 7.38 17.89 23.46
C MET C 1 6.53 16.62 23.51
N LYS C 2 5.38 16.67 24.16
CA LYS C 2 4.52 15.52 24.20
C LYS C 2 3.18 15.80 23.67
N LYS C 3 2.76 17.07 23.62
CA LYS C 3 1.37 17.37 23.39
C LYS C 3 1.22 18.56 22.40
N VAL C 4 0.38 18.35 21.41
CA VAL C 4 0.23 19.25 20.23
C VAL C 4 -1.25 19.61 20.03
N PHE C 5 -1.48 20.90 19.88
CA PHE C 5 -2.77 21.41 19.61
C PHE C 5 -2.79 21.76 18.10
N VAL C 6 -3.80 21.32 17.36
CA VAL C 6 -3.85 21.60 15.89
C VAL C 6 -5.15 22.29 15.66
N LEU C 7 -5.12 23.48 15.05
CA LEU C 7 -6.35 24.19 14.61
C LEU C 7 -6.71 23.85 13.15
N GLY C 8 -7.91 23.32 12.93
CA GLY C 8 -8.33 22.94 11.57
C GLY C 8 -8.42 21.44 11.43
N ALA C 9 -9.62 20.94 11.15
CA ALA C 9 -9.85 19.50 11.06
C ALA C 9 -10.19 19.11 9.60
N GLY C 10 -9.93 20.02 8.67
CA GLY C 10 -9.96 19.70 7.26
C GLY C 10 -8.80 18.82 6.85
N THR C 11 -8.66 18.59 5.55
CA THR C 11 -7.69 17.60 5.09
C THR C 11 -6.21 17.92 5.53
N MET C 12 -5.77 19.17 5.53
CA MET C 12 -4.39 19.49 5.94
C MET C 12 -4.21 19.27 7.48
N GLY C 13 -5.08 19.91 8.24
CA GLY C 13 -5.13 19.79 9.70
C GLY C 13 -5.21 18.36 10.17
N ALA C 14 -6.14 17.59 9.58
CA ALA C 14 -6.26 16.17 9.85
C ALA C 14 -5.00 15.42 9.54
N GLY C 15 -4.35 15.71 8.40
CA GLY C 15 -3.06 15.04 8.06
C GLY C 15 -1.94 15.40 9.07
N ILE C 16 -1.96 16.66 9.52
CA ILE C 16 -0.93 17.17 10.49
C ILE C 16 -1.15 16.41 11.82
N VAL C 17 -2.42 16.19 12.15
CA VAL C 17 -2.76 15.54 13.42
C VAL C 17 -2.20 14.15 13.37
N GLN C 18 -2.51 13.44 12.30
CA GLN C 18 -1.91 12.14 12.06
C GLN C 18 -0.38 12.10 12.03
N ALA C 19 0.27 13.10 11.41
CA ALA C 19 1.74 13.08 11.42
C ALA C 19 2.35 13.13 12.86
N PHE C 20 1.74 13.87 13.77
CA PHE C 20 2.24 13.95 15.13
C PHE C 20 1.85 12.67 15.95
N ALA C 21 0.57 12.32 15.85
CA ALA C 21 0.00 11.20 16.65
C ALA C 21 0.59 9.90 16.27
N ALA C 22 0.87 9.72 14.97
CA ALA C 22 1.50 8.49 14.55
C ALA C 22 2.87 8.35 15.11
N LYS C 23 3.50 9.43 15.55
CA LYS C 23 4.81 9.30 16.04
C LYS C 23 4.85 9.51 17.57
N GLY C 24 3.74 9.33 18.26
CA GLY C 24 3.83 9.24 19.74
C GLY C 24 3.33 10.49 20.45
N CYS C 25 3.07 11.61 19.76
CA CYS C 25 2.49 12.78 20.43
C CYS C 25 1.01 12.59 20.74
N GLU C 26 0.57 13.20 21.83
CA GLU C 26 -0.87 13.44 22.07
C GLU C 26 -1.28 14.64 21.26
N VAL C 27 -2.45 14.58 20.68
CA VAL C 27 -2.94 15.68 19.85
C VAL C 27 -4.34 16.04 20.17
N ILE C 28 -4.58 17.34 20.34
CA ILE C 28 -5.91 17.86 20.45
C ILE C 28 -6.15 18.67 19.17
N VAL C 29 -7.20 18.31 18.46
CA VAL C 29 -7.66 19.02 17.24
C VAL C 29 -8.89 19.85 17.46
N ARG C 30 -8.81 21.09 17.05
CA ARG C 30 -9.86 22.02 17.32
C ARG C 30 -10.42 22.58 16.03
N ASP C 31 -11.74 22.53 15.90
CA ASP C 31 -12.40 23.24 14.79
C ASP C 31 -13.67 23.95 15.31
N ILE C 32 -14.35 24.67 14.41
CA ILE C 32 -15.47 25.54 14.75
C ILE C 32 -16.81 24.81 14.96
N LYS C 33 -17.03 23.65 14.35
CA LYS C 33 -18.19 22.82 14.71
C LYS C 33 -17.80 21.38 14.95
N GLU C 34 -18.58 20.70 15.80
CA GLU C 34 -18.34 19.27 16.05
C GLU C 34 -18.39 18.40 14.82
N GLU C 35 -19.25 18.72 13.86
CA GLU C 35 -19.32 17.91 12.61
C GLU C 35 -17.95 17.96 11.87
N PHE C 36 -17.29 19.14 11.84
CA PHE C 36 -15.96 19.32 11.23
C PHE C 36 -14.89 18.50 11.93
N VAL C 37 -14.90 18.56 13.25
CA VAL C 37 -14.00 17.74 14.04
C VAL C 37 -14.22 16.27 13.78
N ASP C 38 -15.47 15.82 13.88
CA ASP C 38 -15.82 14.44 13.51
C ASP C 38 -15.39 14.10 12.11
N ARG C 39 -15.54 15.01 11.14
CA ARG C 39 -15.05 14.73 9.77
C ARG C 39 -13.59 14.42 9.77
N GLY C 40 -12.86 15.28 10.49
CA GLY C 40 -11.40 15.15 10.57
C GLY C 40 -10.96 13.84 11.21
N ILE C 41 -11.62 13.45 12.30
CA ILE C 41 -11.25 12.19 12.97
C ILE C 41 -11.59 11.00 12.05
N ALA C 42 -12.75 11.08 11.42
CA ALA C 42 -13.13 10.08 10.35
C ALA C 42 -12.07 9.95 9.26
N THR C 43 -11.63 11.08 8.67
CA THR C 43 -10.47 11.08 7.71
C THR C 43 -9.19 10.38 8.22
N ILE C 44 -8.82 10.69 9.46
CA ILE C 44 -7.62 10.03 10.00
C ILE C 44 -7.87 8.53 10.13
N THR C 45 -9.04 8.20 10.66
CA THR C 45 -9.41 6.78 10.90
C THR C 45 -9.33 5.98 9.60
N LYS C 46 -9.86 6.58 8.54
CA LYS C 46 -9.82 5.96 7.20
C LYS C 46 -8.38 5.84 6.70
N SER C 47 -7.56 6.89 6.89
CA SER C 47 -6.19 6.80 6.43
C SER C 47 -5.39 5.70 7.18
N LEU C 48 -5.63 5.54 8.48
CA LEU C 48 -4.91 4.51 9.22
C LEU C 48 -5.38 3.09 8.82
N SER C 49 -6.68 2.96 8.56
CA SER C 49 -7.25 1.70 8.01
C SER C 49 -6.61 1.35 6.69
N LYS C 50 -6.35 2.34 5.83
CA LYS C 50 -5.64 2.03 4.58
C LYS C 50 -4.23 1.50 4.87
N LEU C 51 -3.54 2.07 5.89
CA LEU C 51 -2.23 1.54 6.29
C LEU C 51 -2.33 0.15 6.94
N VAL C 52 -3.39 -0.14 7.68
CA VAL C 52 -3.54 -1.52 8.24
C VAL C 52 -3.66 -2.56 7.09
N ALA C 53 -4.59 -2.29 6.17
CA ALA C 53 -4.76 -3.09 4.94
C ALA C 53 -3.42 -3.32 4.23
N LYS C 54 -2.53 -2.30 4.18
CA LYS C 54 -1.24 -2.46 3.49
C LYS C 54 -0.16 -3.12 4.35
N GLU C 55 -0.54 -3.51 5.56
CA GLU C 55 0.36 -4.13 6.52
C GLU C 55 1.52 -3.17 6.84
N LYS C 56 1.29 -1.86 6.78
CA LYS C 56 2.29 -0.88 7.25
C LYS C 56 2.25 -0.77 8.78
N ILE C 57 1.06 -0.85 9.36
CA ILE C 57 0.89 -0.93 10.81
C ILE C 57 -0.16 -2.00 11.11
N THR C 58 -0.19 -2.43 12.38
CA THR C 58 -1.21 -3.36 12.89
C THR C 58 -2.44 -2.58 13.25
N GLU C 59 -3.55 -3.29 13.41
CA GLU C 59 -4.79 -2.69 13.88
C GLU C 59 -4.63 -2.18 15.32
N ALA C 60 -3.79 -2.84 16.10
CA ALA C 60 -3.43 -2.31 17.44
C ALA C 60 -2.66 -0.96 17.36
N ASP C 61 -1.68 -0.87 16.45
CA ASP C 61 -1.03 0.43 16.12
C ASP C 61 -2.11 1.46 15.85
N LYS C 62 -3.02 1.12 14.96
CA LYS C 62 -4.06 2.07 14.65
C LYS C 62 -4.82 2.54 15.91
N GLU C 63 -5.25 1.63 16.79
CA GLU C 63 -6.01 2.07 18.02
C GLU C 63 -5.14 2.95 18.91
N GLU C 64 -3.89 2.60 19.08
CA GLU C 64 -3.05 3.35 19.98
C GLU C 64 -2.85 4.79 19.43
N ILE C 65 -2.69 4.89 18.12
CA ILE C 65 -2.60 6.20 17.46
C ILE C 65 -3.85 6.97 17.70
N LEU C 66 -5.00 6.34 17.45
CA LEU C 66 -6.26 7.03 17.62
C LEU C 66 -6.55 7.44 19.07
N SER C 67 -6.05 6.64 20.00
CA SER C 67 -6.26 6.91 21.42
C SER C 67 -5.47 8.16 21.82
N ARG C 68 -4.41 8.49 21.08
CA ARG C 68 -3.67 9.75 21.35
C ARG C 68 -4.35 11.04 20.85
N ILE C 69 -5.42 10.89 20.08
CA ILE C 69 -6.13 12.01 19.46
C ILE C 69 -7.44 12.31 20.09
N SER C 70 -7.65 13.58 20.42
CA SER C 70 -8.98 14.06 20.82
C SER C 70 -9.42 15.34 20.10
N GLY C 71 -10.73 15.56 20.09
CA GLY C 71 -11.37 16.64 19.32
C GLY C 71 -12.11 17.62 20.19
N THR C 72 -12.19 18.86 19.78
CA THR C 72 -12.88 19.88 20.56
C THR C 72 -13.22 21.09 19.66
N THR C 73 -14.10 21.94 20.11
CA THR C 73 -14.37 23.21 19.47
C THR C 73 -13.88 24.32 20.34
N ASP C 74 -13.33 24.02 21.50
CA ASP C 74 -12.96 25.05 22.42
C ASP C 74 -11.43 25.34 22.40
N MET C 75 -11.03 26.55 22.01
CA MET C 75 -9.61 26.95 22.02
C MET C 75 -8.86 26.79 23.31
N LYS C 76 -9.57 26.92 24.43
CA LYS C 76 -8.92 26.86 25.79
C LYS C 76 -8.30 25.54 26.08
N LEU C 77 -8.58 24.48 25.30
CA LEU C 77 -7.84 23.22 25.48
C LEU C 77 -6.41 23.22 24.98
N ALA C 78 -5.94 24.34 24.46
CA ALA C 78 -4.52 24.45 24.12
C ALA C 78 -3.63 24.66 25.34
N ALA C 79 -4.23 24.92 26.51
CA ALA C 79 -3.45 25.45 27.63
C ALA C 79 -2.18 24.77 27.91
N ASP C 80 -2.19 23.43 27.85
CA ASP C 80 -1.04 22.67 28.27
C ASP C 80 -0.27 22.11 27.07
N CYS C 81 -0.65 22.42 25.82
CA CYS C 81 0.14 21.90 24.70
C CYS C 81 1.52 22.57 24.59
N ASP C 82 2.48 21.80 24.15
CA ASP C 82 3.81 22.26 24.07
C ASP C 82 4.01 23.02 22.73
N LEU C 83 3.15 22.70 21.76
CA LEU C 83 3.21 23.28 20.39
C LEU C 83 1.81 23.40 19.89
N VAL C 84 1.56 24.47 19.12
CA VAL C 84 0.34 24.67 18.42
C VAL C 84 0.70 24.74 16.95
N VAL C 85 -0.02 23.98 16.14
CA VAL C 85 0.10 24.16 14.67
C VAL C 85 -1.30 24.64 14.15
N GLU C 86 -1.33 25.87 13.63
CA GLU C 86 -2.52 26.50 13.14
C GLU C 86 -2.64 26.25 11.65
N ALA C 87 -3.74 25.59 11.27
CA ALA C 87 -4.00 25.25 9.89
C ALA C 87 -5.42 25.71 9.54
N ALA C 88 -5.75 26.94 9.95
CA ALA C 88 -7.09 27.52 9.83
C ALA C 88 -7.07 28.49 8.62
N ILE C 89 -8.10 29.28 8.46
CA ILE C 89 -8.22 30.08 7.26
C ILE C 89 -7.05 31.08 7.06
N GLU C 90 -6.85 31.39 5.80
CA GLU C 90 -5.70 32.10 5.37
C GLU C 90 -6.21 33.54 5.39
N ASN C 91 -6.48 34.10 6.56
CA ASN C 91 -6.93 35.49 6.72
C ASN C 91 -6.20 36.20 7.88
N MET C 92 -5.57 37.35 7.62
CA MET C 92 -4.71 37.93 8.63
C MET C 92 -5.38 38.37 9.86
N LYS C 93 -6.49 39.09 9.74
CA LYS C 93 -7.17 39.62 10.92
C LYS C 93 -7.52 38.46 11.84
N ILE C 94 -8.05 37.39 11.25
CA ILE C 94 -8.49 36.24 12.00
C ILE C 94 -7.30 35.43 12.52
N LYS C 95 -6.22 35.29 11.74
CA LYS C 95 -5.00 34.68 12.31
C LYS C 95 -4.50 35.44 13.52
N LYS C 96 -4.49 36.76 13.45
CA LYS C 96 -4.04 37.55 14.56
C LYS C 96 -4.95 37.39 15.78
N GLU C 97 -6.24 37.21 15.53
CA GLU C 97 -7.18 36.95 16.62
C GLU C 97 -6.89 35.59 17.31
N ILE C 98 -6.70 34.56 16.51
CA ILE C 98 -6.38 33.21 17.02
C ILE C 98 -5.07 33.26 17.81
N PHE C 99 -4.02 33.86 17.24
CA PHE C 99 -2.73 33.94 17.93
C PHE C 99 -2.76 34.76 19.18
N ALA C 100 -3.52 35.86 19.21
CA ALA C 100 -3.62 36.65 20.45
C ALA C 100 -4.38 35.86 21.55
N GLU C 101 -5.42 35.15 21.14
CA GLU C 101 -6.15 34.29 22.08
C GLU C 101 -5.28 33.12 22.62
N LEU C 102 -4.57 32.42 21.73
CA LEU C 102 -3.62 31.38 22.11
C LEU C 102 -2.50 31.91 22.99
N ASP C 103 -2.09 33.15 22.72
CA ASP C 103 -1.14 33.81 23.60
C ASP C 103 -1.60 33.94 25.11
N GLY C 104 -2.87 34.23 25.35
CA GLY C 104 -3.45 34.40 26.70
C GLY C 104 -3.78 32.99 27.26
N ILE C 105 -4.24 32.07 26.40
CA ILE C 105 -4.51 30.65 26.81
C ILE C 105 -3.34 29.80 27.19
N CYS C 106 -2.32 29.73 26.37
CA CYS C 106 -1.20 28.78 26.56
C CYS C 106 -0.17 29.13 27.62
N LYS C 107 0.36 28.08 28.26
CA LYS C 107 1.47 28.25 29.18
C LYS C 107 2.60 28.97 28.47
N PRO C 108 3.48 29.64 29.24
CA PRO C 108 4.51 30.46 28.60
C PRO C 108 5.48 29.73 27.69
N GLU C 109 5.67 28.42 27.87
CA GLU C 109 6.59 27.64 27.07
C GLU C 109 6.12 27.36 25.61
N THR C 110 4.81 27.37 25.41
CA THR C 110 4.18 26.82 24.22
C THR C 110 4.68 27.66 23.02
N ILE C 111 5.16 26.97 22.03
CA ILE C 111 5.51 27.55 20.67
C ILE C 111 4.27 27.57 19.82
N LEU C 112 3.99 28.75 19.22
CA LEU C 112 2.78 28.94 18.40
C LEU C 112 3.24 28.95 16.90
N ALA C 113 2.96 27.88 16.16
CA ALA C 113 3.32 27.78 14.75
C ALA C 113 2.10 27.88 13.83
N SER C 114 2.35 28.37 12.61
CA SER C 114 1.32 28.37 11.59
C SER C 114 1.76 27.52 10.40
N ASN C 115 0.79 26.85 9.79
CA ASN C 115 0.96 26.09 8.59
C ASN C 115 0.63 26.97 7.38
N THR C 116 0.52 28.25 7.58
CA THR C 116 0.19 29.14 6.44
C THR C 116 1.15 28.96 5.24
N SER C 117 0.56 28.95 4.07
CA SER C 117 1.31 29.19 2.81
C SER C 117 1.51 30.70 2.50
N SER C 118 0.59 31.54 2.95
CA SER C 118 0.43 32.83 2.28
C SER C 118 0.43 34.11 3.17
N LEU C 119 0.52 33.97 4.49
CA LEU C 119 0.48 35.12 5.30
C LEU C 119 1.89 35.23 6.02
N SER C 120 2.14 36.41 6.57
CA SER C 120 3.41 36.77 7.17
C SER C 120 3.37 36.27 8.64
N ILE C 121 4.32 35.40 8.94
CA ILE C 121 4.51 34.80 10.28
C ILE C 121 4.82 35.99 11.21
N THR C 122 5.68 36.87 10.75
CA THR C 122 6.07 38.07 11.51
C THR C 122 4.84 38.92 11.95
N GLU C 123 3.95 39.19 11.00
CA GLU C 123 2.77 39.96 11.28
C GLU C 123 1.84 39.26 12.29
N VAL C 124 1.70 37.98 12.16
CA VAL C 124 0.95 37.17 13.13
C VAL C 124 1.56 37.27 14.53
N ALA C 125 2.88 37.14 14.58
CA ALA C 125 3.67 37.19 15.85
C ALA C 125 3.50 38.46 16.60
N SER C 126 3.39 39.56 15.84
CA SER C 126 3.19 40.87 16.38
C SER C 126 1.85 41.04 17.07
N ALA C 127 0.85 40.20 16.77
CA ALA C 127 -0.40 40.22 17.56
C ALA C 127 -0.22 39.57 18.96
N THR C 128 0.96 39.10 19.32
CA THR C 128 1.19 38.37 20.54
C THR C 128 2.22 39.09 21.37
N LYS C 129 2.33 38.66 22.62
CA LYS C 129 3.43 39.03 23.46
C LYS C 129 4.53 38.01 23.50
N ARG C 130 4.51 37.05 22.60
CA ARG C 130 5.59 36.03 22.58
C ARG C 130 6.05 35.84 21.15
N ALA C 131 6.40 36.95 20.50
CA ALA C 131 6.88 36.86 19.10
C ALA C 131 8.13 35.97 18.95
N ASP C 132 8.96 35.85 20.01
CA ASP C 132 10.10 34.99 19.98
C ASP C 132 9.76 33.51 19.86
N LYS C 133 8.53 33.18 20.20
CA LYS C 133 8.02 31.81 20.20
C LYS C 133 6.93 31.52 19.11
N VAL C 134 6.82 32.42 18.15
CA VAL C 134 5.95 32.25 17.01
C VAL C 134 6.81 31.95 15.76
N ILE C 135 6.33 31.02 14.94
CA ILE C 135 7.07 30.46 13.86
C ILE C 135 6.13 29.82 12.83
N GLY C 136 6.65 29.61 11.62
CA GLY C 136 5.94 28.86 10.64
C GLY C 136 6.44 27.43 10.72
N MET C 137 5.51 26.48 10.62
CA MET C 137 5.83 25.07 10.48
C MET C 137 4.92 24.54 9.37
N HIS C 138 5.48 24.47 8.14
CA HIS C 138 4.73 24.34 6.93
C HIS C 138 4.92 22.92 6.38
N PHE C 139 3.84 22.14 6.43
CA PHE C 139 3.79 20.78 5.97
C PHE C 139 3.25 20.78 4.55
N PHE C 140 3.36 19.61 3.90
CA PHE C 140 2.88 19.42 2.53
C PHE C 140 1.93 18.21 2.46
N ASN C 141 0.89 18.38 1.66
CA ASN C 141 -0.18 17.37 1.54
C ASN C 141 0.30 16.15 0.73
N PRO C 142 0.12 14.92 1.22
CA PRO C 142 -0.42 14.49 2.52
C PRO C 142 0.67 14.55 3.64
N ALA C 143 0.37 15.28 4.72
CA ALA C 143 1.37 15.55 5.73
C ALA C 143 1.95 14.30 6.39
N PRO C 144 1.14 13.19 6.52
CA PRO C 144 1.78 11.98 7.03
C PRO C 144 2.86 11.43 6.13
N VAL C 145 2.80 11.74 4.83
CA VAL C 145 3.70 11.08 3.87
C VAL C 145 4.85 12.00 3.49
N MET C 146 4.57 13.28 3.26
CA MET C 146 5.65 14.17 2.76
C MET C 146 6.67 14.50 3.84
N LYS C 147 7.94 14.35 3.50
CA LYS C 147 9.03 14.42 4.46
C LYS C 147 9.40 15.87 4.88
N LEU C 148 9.16 16.86 4.02
CA LEU C 148 9.70 18.20 4.31
C LEU C 148 8.82 18.91 5.32
N VAL C 149 9.43 19.62 6.22
CA VAL C 149 8.73 20.74 6.81
C VAL C 149 9.59 21.99 6.63
N GLU C 150 9.00 22.99 6.00
CA GLU C 150 9.61 24.32 6.02
C GLU C 150 9.39 24.98 7.40
N VAL C 151 10.50 25.35 8.05
CA VAL C 151 10.47 25.98 9.31
C VAL C 151 10.83 27.43 9.12
N ILE C 152 9.81 28.28 9.24
CA ILE C 152 9.87 29.62 8.74
C ILE C 152 10.06 30.59 9.91
N ARG C 153 11.22 31.23 10.01
CA ARG C 153 11.48 32.19 11.03
C ARG C 153 10.90 33.58 10.62
N GLY C 154 10.06 34.12 11.49
CA GLY C 154 9.70 35.50 11.46
C GLY C 154 10.89 36.36 11.90
N ALA C 155 10.73 37.68 11.80
CA ALA C 155 11.83 38.55 12.13
C ALA C 155 12.27 38.24 13.58
N ALA C 156 11.27 38.01 14.44
CA ALA C 156 11.54 37.87 15.94
C ALA C 156 11.68 36.48 16.47
N THR C 157 11.56 35.47 15.62
CA THR C 157 11.64 34.13 16.08
C THR C 157 13.02 33.85 16.65
N SER C 158 13.07 33.34 17.90
CA SER C 158 14.40 33.07 18.49
C SER C 158 15.10 31.82 17.94
N GLN C 159 16.40 31.74 18.23
CA GLN C 159 17.13 30.53 17.90
C GLN C 159 16.59 29.35 18.65
N GLU C 160 16.26 29.56 19.92
CA GLU C 160 15.70 28.53 20.78
C GLU C 160 14.41 27.95 20.21
N THR C 161 13.50 28.81 19.80
CA THR C 161 12.28 28.30 19.19
C THR C 161 12.55 27.55 17.87
N PHE C 162 13.40 28.12 17.00
CA PHE C 162 13.78 27.47 15.78
C PHE C 162 14.33 26.05 16.04
N ASP C 163 15.31 25.96 16.95
CA ASP C 163 15.94 24.65 17.30
C ASP C 163 14.89 23.69 17.84
N ALA C 164 14.01 24.17 18.70
CA ALA C 164 12.93 23.34 19.21
C ALA C 164 12.02 22.71 18.09
N VAL C 165 11.65 23.54 17.10
CA VAL C 165 10.78 23.05 16.03
C VAL C 165 11.54 22.12 15.07
N LYS C 166 12.80 22.42 14.82
CA LYS C 166 13.64 21.60 14.02
C LYS C 166 13.72 20.19 14.67
N GLU C 167 13.92 20.16 15.98
CA GLU C 167 14.03 18.87 16.70
C GLU C 167 12.69 18.17 16.72
N MET C 168 11.60 18.91 16.86
CA MET C 168 10.28 18.30 16.76
C MET C 168 10.03 17.66 15.40
N SER C 169 10.43 18.39 14.34
CA SER C 169 10.27 17.91 12.99
C SER C 169 10.96 16.57 12.82
N GLU C 170 12.15 16.49 13.36
CA GLU C 170 12.99 15.31 13.21
C GLU C 170 12.42 14.18 14.04
N SER C 171 11.87 14.50 15.19
CA SER C 171 11.28 13.46 16.06
C SER C 171 10.01 12.86 15.44
N ILE C 172 9.34 13.56 14.52
CA ILE C 172 8.26 12.92 13.85
C ILE C 172 8.69 12.46 12.44
N GLY C 173 10.01 12.27 12.23
CA GLY C 173 10.56 11.59 11.04
C GLY C 173 10.57 12.50 9.80
N LYS C 174 10.48 13.82 9.99
CA LYS C 174 10.43 14.79 8.88
C LYS C 174 11.81 15.43 8.76
N THR C 175 12.04 16.10 7.64
CA THR C 175 13.30 16.80 7.39
C THR C 175 12.99 18.29 7.41
N PRO C 176 13.46 18.99 8.43
CA PRO C 176 13.16 20.45 8.45
C PRO C 176 14.13 21.28 7.63
N VAL C 177 13.70 22.36 6.98
CA VAL C 177 14.67 23.28 6.38
C VAL C 177 14.42 24.66 6.95
N GLU C 178 15.48 25.39 7.25
CA GLU C 178 15.37 26.74 7.76
C GLU C 178 15.06 27.78 6.65
N VAL C 179 14.03 28.61 6.85
CA VAL C 179 13.66 29.62 5.86
C VAL C 179 13.57 30.95 6.59
N ALA C 180 14.31 31.98 6.15
CA ALA C 180 14.01 33.38 6.61
C ALA C 180 12.75 33.86 5.89
N GLU C 181 11.68 34.18 6.63
CA GLU C 181 10.41 34.53 6.00
C GLU C 181 10.60 35.48 4.78
N ALA C 182 10.00 35.09 3.69
CA ALA C 182 9.89 35.84 2.47
C ALA C 182 8.76 35.20 1.63
N PRO C 183 8.25 35.93 0.63
CA PRO C 183 7.03 35.48 -0.01
C PRO C 183 7.18 34.13 -0.65
N GLY C 184 6.28 33.25 -0.28
CA GLY C 184 6.24 31.88 -0.83
C GLY C 184 7.27 30.94 -0.23
N PHE C 185 8.08 31.43 0.71
CA PHE C 185 9.15 30.55 1.33
C PHE C 185 10.04 29.98 0.25
N VAL C 186 10.18 28.66 0.20
CA VAL C 186 10.99 28.07 -0.85
C VAL C 186 10.13 27.33 -1.80
N VAL C 187 9.39 26.35 -1.27
CA VAL C 187 8.68 25.45 -2.13
C VAL C 187 7.67 26.10 -3.07
N ASN C 188 6.73 26.85 -2.47
CA ASN C 188 5.69 27.47 -3.29
C ASN C 188 6.19 28.59 -4.20
N ARG C 189 7.23 29.28 -3.76
CA ARG C 189 7.81 30.32 -4.56
C ARG C 189 8.35 29.79 -5.92
N ILE C 190 8.86 28.56 -5.90
CA ILE C 190 9.37 27.93 -7.10
C ILE C 190 8.27 27.20 -7.81
N LEU C 191 7.45 26.46 -7.06
CA LEU C 191 6.52 25.53 -7.67
C LEU C 191 5.27 26.19 -8.32
N ILE C 192 4.62 27.13 -7.62
CA ILE C 192 3.39 27.67 -8.16
C ILE C 192 3.64 28.53 -9.41
N PRO C 193 4.74 29.29 -9.46
CA PRO C 193 5.00 29.99 -10.73
C PRO C 193 5.31 29.07 -11.88
N MET C 194 5.76 27.83 -11.61
CA MET C 194 5.94 26.86 -12.66
C MET C 194 4.57 26.48 -13.30
N ILE C 195 3.60 26.29 -12.42
CA ILE C 195 2.23 25.97 -12.81
C ILE C 195 1.62 27.15 -13.59
N ASN C 196 1.86 28.36 -13.09
CA ASN C 196 1.39 29.54 -13.76
C ASN C 196 2.03 29.71 -15.12
N GLU C 197 3.34 29.43 -15.23
CA GLU C 197 4.01 29.42 -16.55
C GLU C 197 3.33 28.50 -17.57
N ALA C 198 3.01 27.31 -17.08
CA ALA C 198 2.23 26.39 -17.87
C ALA C 198 0.91 26.90 -18.36
N THR C 199 0.18 27.67 -17.51
CA THR C 199 -1.06 28.27 -17.94
C THR C 199 -0.80 29.38 -19.01
N PHE C 200 0.32 30.11 -18.93
CA PHE C 200 0.70 31.08 -20.00
C PHE C 200 0.96 30.37 -21.32
N ILE C 201 1.68 29.26 -21.25
CA ILE C 201 1.93 28.42 -22.46
C ILE C 201 0.62 28.01 -23.13
N LEU C 202 -0.35 27.60 -22.30
CA LEU C 202 -1.66 27.23 -22.79
C LEU C 202 -2.39 28.41 -23.37
N GLN C 203 -2.46 29.52 -22.60
CA GLN C 203 -3.12 30.76 -23.04
C GLN C 203 -2.61 31.27 -24.39
N GLU C 204 -1.30 31.16 -24.57
CA GLU C 204 -0.66 31.70 -25.74
C GLU C 204 -0.61 30.70 -26.95
N GLY C 205 -1.33 29.57 -26.89
CA GLY C 205 -1.44 28.65 -27.97
C GLY C 205 -0.16 27.92 -28.29
N VAL C 206 0.75 27.82 -27.34
CA VAL C 206 2.03 27.19 -27.61
C VAL C 206 1.89 25.64 -27.76
N ALA C 207 1.14 25.04 -26.84
CA ALA C 207 0.92 23.59 -26.75
C ALA C 207 -0.33 23.33 -26.00
N LYS C 208 -0.86 22.13 -26.18
CA LYS C 208 -2.07 21.74 -25.46
C LYS C 208 -1.78 21.05 -24.12
N GLU C 209 -2.83 20.92 -23.31
CA GLU C 209 -2.73 20.56 -21.91
C GLU C 209 -1.89 19.31 -21.74
N GLU C 210 -2.33 18.23 -22.39
CA GLU C 210 -1.62 16.93 -22.24
C GLU C 210 -0.18 17.01 -22.72
N ASP C 211 0.07 17.77 -23.77
CA ASP C 211 1.42 17.90 -24.25
C ASP C 211 2.35 18.66 -23.30
N ILE C 212 1.81 19.71 -22.67
CA ILE C 212 2.53 20.43 -21.66
C ILE C 212 2.93 19.52 -20.52
N ASP C 213 1.98 18.76 -20.00
CA ASP C 213 2.23 17.84 -18.86
C ASP C 213 3.18 16.66 -19.26
N ALA C 214 3.00 16.13 -20.46
CA ALA C 214 3.91 15.08 -20.92
C ALA C 214 5.31 15.63 -21.02
N ALA C 215 5.40 16.88 -21.48
CA ALA C 215 6.69 17.52 -21.64
C ALA C 215 7.46 17.58 -20.36
N MET C 216 6.81 18.02 -19.27
CA MET C 216 7.53 18.12 -17.98
C MET C 216 7.84 16.76 -17.40
N LYS C 217 6.91 15.83 -17.52
CA LYS C 217 7.12 14.47 -17.05
C LYS C 217 8.23 13.77 -17.79
N LEU C 218 8.25 13.86 -19.11
CA LEU C 218 9.25 13.06 -19.90
C LEU C 218 10.50 13.82 -20.23
N GLY C 219 10.44 15.15 -20.20
CA GLY C 219 11.57 15.99 -20.47
C GLY C 219 12.35 16.42 -19.26
N ALA C 220 11.70 16.49 -18.09
CA ALA C 220 12.40 16.91 -16.87
C ALA C 220 12.27 15.90 -15.74
N ASN C 221 11.66 14.76 -16.02
CA ASN C 221 11.44 13.77 -15.02
C ASN C 221 10.60 14.21 -13.85
N HIS C 222 9.67 15.11 -14.08
CA HIS C 222 8.75 15.44 -13.03
C HIS C 222 7.76 14.30 -12.76
N PRO C 223 7.37 14.13 -11.49
CA PRO C 223 6.43 13.09 -11.10
C PRO C 223 5.05 13.34 -11.67
N MET C 224 4.69 14.60 -11.94
CA MET C 224 3.40 14.93 -12.52
C MET C 224 3.57 16.19 -13.38
N GLY C 225 2.74 16.37 -14.38
CA GLY C 225 2.77 17.59 -15.21
C GLY C 225 2.20 18.77 -14.41
N PRO C 226 2.56 20.01 -14.78
CA PRO C 226 2.16 21.16 -13.96
C PRO C 226 0.63 21.46 -13.96
N LEU C 227 -0.05 21.22 -15.06
CA LEU C 227 -1.49 21.44 -15.06
C LEU C 227 -2.26 20.41 -14.19
N ALA C 228 -1.87 19.14 -14.28
CA ALA C 228 -2.39 18.12 -13.44
C ALA C 228 -2.08 18.40 -11.98
N LEU C 229 -0.86 18.85 -11.72
CA LEU C 229 -0.46 19.23 -10.39
C LEU C 229 -1.33 20.41 -9.87
N GLY C 230 -1.55 21.44 -10.67
CA GLY C 230 -2.44 22.53 -10.26
C GLY C 230 -3.84 22.01 -9.91
N ASP C 231 -4.33 21.09 -10.69
CA ASP C 231 -5.67 20.54 -10.42
C ASP C 231 -5.67 19.78 -9.08
N LEU C 232 -4.52 19.22 -8.69
CA LEU C 232 -4.40 18.49 -7.46
C LEU C 232 -4.28 19.44 -6.27
N ILE C 233 -3.47 20.47 -6.40
CA ILE C 233 -3.25 21.48 -5.34
C ILE C 233 -4.52 22.31 -5.15
N GLY C 234 -5.20 22.53 -6.27
CA GLY C 234 -6.39 23.35 -6.32
C GLY C 234 -6.03 24.64 -7.04
N LEU C 235 -6.81 24.98 -8.06
CA LEU C 235 -6.50 26.17 -8.86
C LEU C 235 -6.68 27.47 -8.11
N ASP C 236 -7.64 27.47 -7.20
CA ASP C 236 -7.89 28.57 -6.28
C ASP C 236 -6.67 28.82 -5.37
N VAL C 237 -6.07 27.74 -4.88
CA VAL C 237 -4.88 27.85 -4.05
C VAL C 237 -3.71 28.41 -4.94
N CYS C 238 -3.52 27.86 -6.13
CA CYS C 238 -2.48 28.35 -7.05
C CYS C 238 -2.64 29.86 -7.33
N LEU C 239 -3.83 30.27 -7.70
CA LEU C 239 -4.11 31.69 -7.96
C LEU C 239 -3.81 32.56 -6.72
N ALA C 240 -4.22 32.09 -5.57
CA ALA C 240 -4.06 32.89 -4.36
C ALA C 240 -2.57 33.09 -4.11
N ILE C 241 -1.78 32.04 -4.27
CA ILE C 241 -0.35 32.13 -4.04
C ILE C 241 0.35 33.06 -5.02
N MET C 242 -0.03 33.00 -6.32
CA MET C 242 0.50 33.92 -7.31
C MET C 242 0.08 35.34 -6.90
N ASP C 243 -1.13 35.55 -6.43
CA ASP C 243 -1.50 36.92 -6.01
C ASP C 243 -0.76 37.44 -4.81
N VAL C 244 -0.55 36.59 -3.83
CA VAL C 244 0.33 36.90 -2.69
C VAL C 244 1.75 37.26 -3.13
N LEU C 245 2.37 36.43 -3.99
CA LEU C 245 3.70 36.73 -4.47
C LEU C 245 3.76 38.08 -5.14
N TYR C 246 2.78 38.34 -5.97
CA TYR C 246 2.74 39.60 -6.67
C TYR C 246 2.47 40.79 -5.71
N ASN C 247 1.51 40.61 -4.82
CA ASN C 247 1.15 41.75 -3.94
C ASN C 247 2.25 42.01 -2.93
N GLU C 248 2.94 40.97 -2.46
CA GLU C 248 4.06 41.17 -1.47
C GLU C 248 5.28 41.79 -2.12
N THR C 249 5.56 41.45 -3.39
CA THR C 249 6.85 41.85 -4.02
C THR C 249 6.71 43.07 -4.90
N GLY C 250 5.46 43.36 -5.35
CA GLY C 250 5.25 44.39 -6.37
C GLY C 250 5.92 44.06 -7.71
N ASP C 251 6.33 42.80 -7.91
CA ASP C 251 7.07 42.32 -9.08
C ASP C 251 6.14 41.57 -10.02
N THR C 252 5.95 42.17 -11.18
CA THR C 252 5.11 41.73 -12.26
C THR C 252 5.54 40.33 -12.76
N LYS C 253 6.74 39.95 -12.39
CA LYS C 253 7.11 38.58 -12.65
C LYS C 253 6.16 37.54 -12.16
N TYR C 254 5.48 37.80 -11.01
CA TYR C 254 4.55 36.88 -10.41
C TYR C 254 3.08 37.15 -10.76
N ARG C 255 2.83 37.83 -11.87
CA ARG C 255 1.43 38.05 -12.27
C ARG C 255 0.78 36.75 -12.69
N ALA C 256 -0.41 36.47 -12.18
CA ALA C 256 -1.15 35.32 -12.62
C ALA C 256 -1.65 35.50 -14.04
N SER C 257 -1.68 34.42 -14.81
CA SER C 257 -2.34 34.52 -16.12
C SER C 257 -3.84 34.82 -16.00
N SER C 258 -4.40 35.47 -17.02
CA SER C 258 -5.87 35.68 -17.03
C SER C 258 -6.59 34.35 -17.15
N LEU C 259 -6.01 33.40 -17.84
CA LEU C 259 -6.63 32.09 -17.97
C LEU C 259 -6.82 31.37 -16.59
N LEU C 260 -5.79 31.43 -15.76
CA LEU C 260 -5.92 30.88 -14.41
C LEU C 260 -6.99 31.60 -13.60
N ARG C 261 -7.04 32.92 -13.70
CA ARG C 261 -8.09 33.67 -13.02
C ARG C 261 -9.49 33.29 -13.50
N LYS C 262 -9.64 33.06 -14.79
CA LYS C 262 -10.95 32.70 -15.38
C LYS C 262 -11.37 31.30 -14.97
N TYR C 263 -10.45 30.36 -14.96
CA TYR C 263 -10.81 29.04 -14.46
C TYR C 263 -11.29 29.06 -12.98
N VAL C 264 -10.64 29.86 -12.13
CA VAL C 264 -11.03 29.97 -10.76
C VAL C 264 -12.41 30.58 -10.68
N ARG C 265 -12.66 31.66 -11.43
CA ARG C 265 -13.97 32.29 -11.40
C ARG C 265 -15.09 31.36 -11.89
N ALA C 266 -14.72 30.39 -12.72
CA ALA C 266 -15.67 29.38 -13.23
C ALA C 266 -16.03 28.26 -12.19
N GLY C 267 -15.33 28.22 -11.08
CA GLY C 267 -15.41 27.12 -10.12
C GLY C 267 -14.75 25.86 -10.69
N TRP C 268 -13.83 26.00 -11.65
CA TRP C 268 -13.10 24.89 -12.17
C TRP C 268 -11.78 24.82 -11.43
N LEU C 269 -11.85 24.31 -10.21
CA LEU C 269 -10.78 24.35 -9.26
C LEU C 269 -9.87 23.12 -9.27
N GLY C 270 -10.24 22.12 -10.08
CA GLY C 270 -9.43 20.91 -10.19
C GLY C 270 -10.13 19.67 -9.65
N ARG C 271 -9.36 18.76 -9.02
CA ARG C 271 -9.92 17.50 -8.54
C ARG C 271 -11.06 17.76 -7.55
N LYS C 272 -10.95 18.77 -6.71
CA LYS C 272 -12.01 19.09 -5.71
C LYS C 272 -13.40 19.26 -6.30
N THR C 273 -13.49 19.85 -7.49
CA THR C 273 -14.76 20.24 -8.08
C THR C 273 -15.08 19.36 -9.29
N GLY C 274 -14.29 18.31 -9.54
CA GLY C 274 -14.51 17.47 -10.71
C GLY C 274 -14.04 18.04 -12.05
N LYS C 275 -13.43 19.25 -12.02
CA LYS C 275 -13.02 19.95 -13.24
C LYS C 275 -12.01 21.07 -12.91
N GLY C 276 -10.85 21.04 -13.58
CA GLY C 276 -9.88 22.16 -13.59
C GLY C 276 -9.37 22.24 -15.00
N PHE C 277 -8.06 22.09 -15.18
CA PHE C 277 -7.48 21.91 -16.53
C PHE C 277 -8.00 20.67 -17.23
N TYR C 278 -8.30 19.65 -16.44
CA TYR C 278 -8.89 18.39 -16.96
C TYR C 278 -10.22 18.14 -16.32
N ASP C 279 -11.06 17.37 -17.02
CA ASP C 279 -12.32 16.84 -16.44
C ASP C 279 -12.08 15.61 -15.60
N TYR C 280 -12.65 15.52 -14.39
CA TYR C 280 -12.45 14.30 -13.58
C TYR C 280 -13.70 13.38 -13.53
N SER C 281 -13.50 12.20 -12.99
CA SER C 281 -14.49 11.14 -13.08
C SER C 281 -15.07 10.86 -11.69
N LYS C 282 -15.44 11.94 -10.98
CA LYS C 282 -15.80 11.91 -9.54
C LYS C 282 -16.66 10.73 -9.13
N MET D 1 10.56 6.63 -42.79
CA MET D 1 11.94 7.13 -42.77
C MET D 1 12.88 5.96 -42.44
N LYS D 2 14.07 5.96 -43.04
CA LYS D 2 15.05 4.91 -42.78
C LYS D 2 16.42 5.50 -42.52
N LYS D 3 16.72 6.60 -43.21
CA LYS D 3 18.05 7.13 -43.27
C LYS D 3 18.07 8.53 -42.76
N VAL D 4 18.89 8.74 -41.74
CA VAL D 4 18.93 9.98 -41.03
C VAL D 4 20.33 10.48 -41.04
N PHE D 5 20.49 11.79 -41.23
CA PHE D 5 21.77 12.45 -41.26
C PHE D 5 21.81 13.42 -40.06
N VAL D 6 22.78 13.23 -39.17
CA VAL D 6 22.97 14.11 -38.01
C VAL D 6 24.20 14.98 -38.16
N LEU D 7 24.01 16.29 -38.08
CA LEU D 7 25.16 17.23 -38.04
C LEU D 7 25.58 17.59 -36.66
N GLY D 8 26.82 17.26 -36.34
CA GLY D 8 27.41 17.62 -35.10
C GLY D 8 27.64 16.37 -34.33
N ALA D 9 28.88 16.16 -33.88
CA ALA D 9 29.25 14.91 -33.19
C ALA D 9 29.65 15.17 -31.77
N GLY D 10 29.26 16.33 -31.25
CA GLY D 10 29.45 16.63 -29.83
C GLY D 10 28.48 15.80 -29.05
N THR D 11 28.25 16.17 -27.80
CA THR D 11 27.48 15.34 -26.92
C THR D 11 26.00 15.08 -27.36
N MET D 12 25.33 16.09 -27.85
CA MET D 12 23.94 15.95 -28.23
C MET D 12 23.87 15.24 -29.57
N GLY D 13 24.62 15.70 -30.56
CA GLY D 13 24.67 15.04 -31.83
C GLY D 13 24.86 13.52 -31.70
N ALA D 14 25.81 13.11 -30.87
CA ALA D 14 26.14 11.72 -30.63
C ALA D 14 24.99 10.99 -29.94
N GLY D 15 24.39 11.65 -28.95
CA GLY D 15 23.20 11.05 -28.32
C GLY D 15 22.06 10.82 -29.30
N ILE D 16 21.79 11.80 -30.14
CA ILE D 16 20.76 11.74 -31.18
C ILE D 16 21.04 10.62 -32.20
N VAL D 17 22.29 10.49 -32.60
CA VAL D 17 22.70 9.38 -33.44
C VAL D 17 22.31 8.05 -32.82
N GLN D 18 22.70 7.83 -31.57
CA GLN D 18 22.39 6.61 -30.86
C GLN D 18 20.89 6.39 -30.76
N ALA D 19 20.17 7.47 -30.48
CA ALA D 19 18.72 7.35 -30.33
C ALA D 19 18.07 6.80 -31.61
N PHE D 20 18.48 7.33 -32.77
CA PHE D 20 18.00 6.82 -34.04
C PHE D 20 18.51 5.38 -34.35
N ALA D 21 19.81 5.16 -34.20
CA ALA D 21 20.44 3.87 -34.64
C ALA D 21 19.94 2.74 -33.75
N ALA D 22 19.78 2.99 -32.44
CA ALA D 22 19.30 1.98 -31.50
C ALA D 22 17.91 1.42 -31.88
N LYS D 23 17.15 2.17 -32.63
CA LYS D 23 15.82 1.71 -32.96
C LYS D 23 15.70 1.25 -34.41
N GLY D 24 16.82 1.06 -35.10
CA GLY D 24 16.84 0.43 -36.43
C GLY D 24 17.14 1.35 -37.54
N CYS D 25 17.20 2.69 -37.35
CA CYS D 25 17.55 3.58 -38.43
C CYS D 25 19.04 3.49 -38.88
N GLU D 26 19.29 3.80 -40.15
CA GLU D 26 20.61 3.97 -40.66
C GLU D 26 20.97 5.42 -40.50
N VAL D 27 22.12 5.65 -39.89
CA VAL D 27 22.50 6.98 -39.52
C VAL D 27 23.90 7.21 -39.99
N ILE D 28 24.05 8.35 -40.65
CA ILE D 28 25.29 9.02 -40.97
C ILE D 28 25.43 10.22 -40.07
N VAL D 29 26.59 10.33 -39.43
CA VAL D 29 26.91 11.48 -38.59
C VAL D 29 28.06 12.23 -39.21
N ARG D 30 27.87 13.53 -39.35
CA ARG D 30 28.83 14.40 -40.00
C ARG D 30 29.34 15.49 -39.07
N ASP D 31 30.66 15.71 -39.09
CA ASP D 31 31.31 16.86 -38.45
C ASP D 31 32.44 17.45 -39.39
N ILE D 32 33.17 18.42 -38.87
CA ILE D 32 34.05 19.31 -39.64
C ILE D 32 35.48 18.74 -39.71
N LYS D 33 35.85 17.87 -38.76
CA LYS D 33 37.14 17.17 -38.78
C LYS D 33 36.88 15.70 -38.41
N GLU D 34 37.64 14.80 -39.04
CA GLU D 34 37.53 13.37 -38.82
C GLU D 34 37.74 13.05 -37.36
N GLU D 35 38.54 13.87 -36.67
CA GLU D 35 38.77 13.66 -35.25
C GLU D 35 37.51 13.94 -34.41
N PHE D 36 36.74 14.93 -34.82
CA PHE D 36 35.48 15.20 -34.10
C PHE D 36 34.55 14.00 -34.29
N VAL D 37 34.48 13.51 -35.53
CA VAL D 37 33.60 12.38 -35.85
C VAL D 37 33.97 11.14 -35.05
N ASP D 38 35.28 10.92 -34.94
CA ASP D 38 35.81 9.82 -34.15
C ASP D 38 35.43 9.97 -32.69
N ARG D 39 35.61 11.15 -32.11
CA ARG D 39 35.21 11.38 -30.71
C ARG D 39 33.74 11.01 -30.45
N GLY D 40 32.90 11.45 -31.36
CA GLY D 40 31.49 11.16 -31.24
C GLY D 40 31.17 9.69 -31.29
N ILE D 41 31.83 8.97 -32.23
CA ILE D 41 31.59 7.55 -32.33
C ILE D 41 32.08 6.85 -31.06
N ALA D 42 33.21 7.28 -30.54
CA ALA D 42 33.69 6.73 -29.28
C ALA D 42 32.74 7.03 -28.09
N THR D 43 32.10 8.19 -28.15
CA THR D 43 31.04 8.59 -27.18
C THR D 43 29.92 7.61 -27.23
N ILE D 44 29.46 7.31 -28.43
CA ILE D 44 28.34 6.37 -28.56
C ILE D 44 28.78 5.00 -28.08
N THR D 45 29.99 4.61 -28.50
CA THR D 45 30.46 3.28 -28.14
C THR D 45 30.53 3.09 -26.63
N LYS D 46 30.97 4.14 -25.91
CA LYS D 46 31.10 4.07 -24.44
C LYS D 46 29.73 3.99 -23.79
N SER D 47 28.83 4.85 -24.28
CA SER D 47 27.44 4.81 -23.80
C SER D 47 26.81 3.40 -24.01
N LEU D 48 27.07 2.78 -25.18
CA LEU D 48 26.50 1.44 -25.39
C LEU D 48 27.12 0.43 -24.45
N SER D 49 28.42 0.56 -24.20
CA SER D 49 29.07 -0.39 -23.26
C SER D 49 28.42 -0.30 -21.86
N LYS D 50 28.11 0.92 -21.43
CA LYS D 50 27.39 1.13 -20.17
C LYS D 50 26.09 0.37 -20.19
N LEU D 51 25.32 0.46 -21.28
CA LEU D 51 24.06 -0.32 -21.36
C LEU D 51 24.31 -1.83 -21.30
N VAL D 52 25.42 -2.29 -21.88
CA VAL D 52 25.81 -3.70 -21.74
C VAL D 52 26.13 -4.14 -20.28
N ALA D 53 26.98 -3.39 -19.57
CA ALA D 53 27.35 -3.71 -18.17
C ALA D 53 26.12 -3.63 -17.25
N LYS D 54 25.29 -2.59 -17.38
CA LYS D 54 23.90 -2.73 -16.87
C LYS D 54 23.44 -3.83 -17.79
N GLU D 55 22.44 -4.64 -17.52
CA GLU D 55 22.13 -5.60 -18.59
C GLU D 55 20.90 -5.19 -19.38
N LYS D 56 20.98 -4.00 -19.96
CA LYS D 56 19.89 -3.42 -20.71
C LYS D 56 19.86 -4.00 -22.13
N ILE D 57 21.04 -4.12 -22.74
CA ILE D 57 21.19 -4.66 -24.10
C ILE D 57 22.35 -5.66 -24.07
N THR D 58 22.39 -6.56 -25.03
CA THR D 58 23.54 -7.49 -25.20
C THR D 58 24.73 -6.87 -25.94
N GLU D 59 25.87 -7.54 -25.85
CA GLU D 59 27.03 -7.17 -26.62
C GLU D 59 26.63 -7.19 -28.15
N ALA D 60 25.81 -8.16 -28.53
CA ALA D 60 25.37 -8.24 -29.94
C ALA D 60 24.54 -7.04 -30.33
N ASP D 61 23.54 -6.67 -29.50
CA ASP D 61 22.76 -5.43 -29.71
C ASP D 61 23.70 -4.29 -29.97
N LYS D 62 24.74 -4.16 -29.17
CA LYS D 62 25.67 -3.03 -29.32
C LYS D 62 26.40 -2.91 -30.69
N GLU D 63 27.00 -4.01 -31.10
CA GLU D 63 27.62 -4.04 -32.43
C GLU D 63 26.59 -3.81 -33.52
N GLU D 64 25.39 -4.35 -33.36
CA GLU D 64 24.33 -4.11 -34.36
C GLU D 64 24.04 -2.60 -34.47
N ILE D 65 23.97 -1.91 -33.34
CA ILE D 65 23.67 -0.46 -33.38
C ILE D 65 24.80 0.26 -34.04
N LEU D 66 26.02 -0.10 -33.61
CA LEU D 66 27.18 0.54 -34.20
C LEU D 66 27.26 0.32 -35.72
N SER D 67 26.80 -0.83 -36.17
CA SER D 67 26.91 -1.14 -37.60
C SER D 67 25.97 -0.28 -38.43
N ARG D 68 24.94 0.31 -37.76
CA ARG D 68 24.04 1.26 -38.43
C ARG D 68 24.52 2.68 -38.53
N ILE D 69 25.65 2.96 -37.92
CA ILE D 69 26.17 4.29 -37.80
C ILE D 69 27.39 4.40 -38.66
N SER D 70 27.46 5.45 -39.44
CA SER D 70 28.70 5.72 -40.11
C SER D 70 29.01 7.22 -40.12
N GLY D 71 30.28 7.56 -39.94
CA GLY D 71 30.77 8.95 -39.98
C GLY D 71 31.34 9.54 -41.28
N THR D 72 31.48 10.85 -41.33
CA THR D 72 31.86 11.53 -42.56
C THR D 72 32.11 12.98 -42.26
N THR D 73 32.91 13.64 -43.11
CA THR D 73 33.04 15.10 -43.06
C THR D 73 32.30 15.67 -44.25
N ASP D 74 31.65 14.80 -45.00
CA ASP D 74 31.09 15.20 -46.26
C ASP D 74 29.56 15.49 -46.21
N MET D 75 29.21 16.77 -46.22
CA MET D 75 27.81 17.22 -46.25
C MET D 75 26.95 16.59 -47.36
N LYS D 76 27.58 16.18 -48.47
CA LYS D 76 26.82 15.68 -49.63
C LYS D 76 26.21 14.37 -49.30
N LEU D 77 26.78 13.64 -48.33
CA LEU D 77 26.18 12.40 -47.90
C LEU D 77 24.79 12.60 -47.28
N ALA D 78 24.37 13.84 -47.04
CA ALA D 78 22.99 14.09 -46.70
C ALA D 78 21.98 13.92 -47.85
N ALA D 79 22.45 13.89 -49.09
CA ALA D 79 21.59 14.04 -50.25
C ALA D 79 20.42 13.10 -50.37
N ASP D 80 20.57 11.84 -49.97
CA ASP D 80 19.46 10.92 -50.11
C ASP D 80 18.78 10.59 -48.77
N CYS D 81 19.25 11.17 -47.66
CA CYS D 81 18.60 10.86 -46.38
C CYS D 81 17.18 11.48 -46.28
N ASP D 82 16.35 10.80 -45.48
CA ASP D 82 14.97 11.18 -45.27
C ASP D 82 14.84 12.34 -44.26
N LEU D 83 15.81 12.48 -43.36
CA LEU D 83 15.72 13.47 -42.26
C LEU D 83 17.11 13.91 -41.96
N VAL D 84 17.33 15.21 -41.86
CA VAL D 84 18.52 15.74 -41.25
C VAL D 84 18.13 16.25 -39.85
N VAL D 85 18.98 16.01 -38.87
CA VAL D 85 18.84 16.63 -37.56
C VAL D 85 20.13 17.34 -37.29
N GLU D 86 20.05 18.67 -37.31
CA GLU D 86 21.19 19.54 -37.02
C GLU D 86 21.37 19.80 -35.54
N ALA D 87 22.56 19.47 -35.06
CA ALA D 87 22.93 19.62 -33.67
C ALA D 87 24.29 20.27 -33.63
N ALA D 88 24.42 21.36 -34.34
CA ALA D 88 25.67 22.07 -34.47
C ALA D 88 25.56 23.37 -33.69
N ILE D 89 26.40 24.34 -33.96
CA ILE D 89 26.49 25.47 -33.06
C ILE D 89 25.27 26.41 -33.10
N GLU D 90 25.10 27.06 -31.98
CA GLU D 90 23.94 27.82 -31.67
C GLU D 90 24.25 29.26 -32.12
N ASN D 91 24.37 29.42 -33.44
CA ASN D 91 24.62 30.71 -34.14
C ASN D 91 23.71 30.84 -35.35
N MET D 92 22.92 31.90 -35.42
CA MET D 92 21.96 32.02 -36.51
C MET D 92 22.57 32.16 -37.92
N LYS D 93 23.64 32.94 -38.09
CA LYS D 93 24.21 33.14 -39.43
C LYS D 93 24.67 31.78 -40.02
N ILE D 94 25.36 31.01 -39.20
CA ILE D 94 25.85 29.68 -39.58
C ILE D 94 24.73 28.67 -39.82
N LYS D 95 23.80 28.58 -38.87
CA LYS D 95 22.58 27.74 -39.11
C LYS D 95 21.95 28.01 -40.43
N LYS D 96 21.83 29.28 -40.75
CA LYS D 96 21.17 29.72 -41.99
C LYS D 96 21.99 29.25 -43.24
N GLU D 97 23.30 29.41 -43.21
CA GLU D 97 24.21 28.83 -44.25
C GLU D 97 24.06 27.28 -44.33
N ILE D 98 24.10 26.63 -43.18
CA ILE D 98 23.91 25.17 -43.12
C ILE D 98 22.64 24.70 -43.78
N PHE D 99 21.52 25.36 -43.49
CA PHE D 99 20.22 24.94 -43.98
C PHE D 99 20.08 25.29 -45.44
N ALA D 100 20.68 26.41 -45.84
CA ALA D 100 20.71 26.78 -47.28
C ALA D 100 21.50 25.77 -48.11
N GLU D 101 22.66 25.34 -47.59
CA GLU D 101 23.47 24.29 -48.23
C GLU D 101 22.73 22.94 -48.28
N LEU D 102 22.10 22.55 -47.15
CA LEU D 102 21.26 21.36 -47.10
C LEU D 102 20.07 21.39 -48.06
N ASP D 103 19.47 22.54 -48.22
CA ASP D 103 18.39 22.70 -49.14
C ASP D 103 18.89 22.43 -50.61
N GLY D 104 20.10 22.90 -50.92
CA GLY D 104 20.77 22.71 -52.24
C GLY D 104 21.00 21.22 -52.44
N ILE D 105 21.69 20.63 -51.47
CA ILE D 105 22.10 19.23 -51.50
C ILE D 105 21.02 18.17 -51.50
N CYS D 106 19.96 18.36 -50.75
CA CYS D 106 19.10 17.25 -50.43
C CYS D 106 18.00 17.11 -51.45
N LYS D 107 17.51 15.89 -51.57
CA LYS D 107 16.38 15.61 -52.42
C LYS D 107 15.19 16.40 -51.88
N PRO D 108 14.17 16.67 -52.73
CA PRO D 108 13.10 17.53 -52.21
C PRO D 108 12.35 17.00 -51.01
N GLU D 109 12.33 15.66 -50.82
CA GLU D 109 11.50 15.08 -49.79
C GLU D 109 12.10 15.30 -48.37
N THR D 110 13.39 15.54 -48.31
CA THR D 110 14.12 15.52 -47.05
C THR D 110 13.50 16.61 -46.12
N ILE D 111 13.17 16.20 -44.90
CA ILE D 111 12.81 17.15 -43.81
C ILE D 111 14.08 17.55 -43.11
N LEU D 112 14.30 18.87 -42.92
CA LEU D 112 15.44 19.43 -42.23
C LEU D 112 15.06 19.99 -40.84
N ALA D 113 15.57 19.34 -39.81
CA ALA D 113 15.21 19.58 -38.47
C ALA D 113 16.41 20.13 -37.71
N SER D 114 16.17 21.01 -36.73
CA SER D 114 17.21 21.53 -35.85
C SER D 114 16.92 21.10 -34.43
N ASN D 115 17.97 20.76 -33.67
CA ASN D 115 17.88 20.45 -32.26
C ASN D 115 18.05 21.75 -31.37
N THR D 116 17.97 22.89 -32.00
CA THR D 116 18.26 24.15 -31.32
C THR D 116 17.27 24.36 -30.14
N SER D 117 17.83 24.85 -29.08
CA SER D 117 17.03 25.23 -27.86
C SER D 117 16.68 26.73 -27.94
N SER D 118 17.52 27.53 -28.55
CA SER D 118 17.43 28.96 -28.34
C SER D 118 17.23 29.79 -29.59
N LEU D 119 17.38 29.22 -30.78
CA LEU D 119 17.19 30.01 -32.00
C LEU D 119 15.85 29.71 -32.67
N SER D 120 15.43 30.60 -33.54
CA SER D 120 14.13 30.53 -34.21
C SER D 120 14.17 29.63 -35.43
N ILE D 121 13.39 28.58 -35.37
CA ILE D 121 13.22 27.66 -36.51
C ILE D 121 12.68 28.40 -37.72
N THR D 122 11.69 29.27 -37.48
CA THR D 122 11.13 30.06 -38.54
C THR D 122 12.23 30.86 -39.29
N GLU D 123 13.06 31.55 -38.53
CA GLU D 123 14.12 32.36 -39.12
C GLU D 123 15.10 31.51 -39.94
N VAL D 124 15.44 30.35 -39.42
CA VAL D 124 16.34 29.42 -40.11
C VAL D 124 15.70 28.97 -41.42
N ALA D 125 14.41 28.64 -41.34
CA ALA D 125 13.65 28.09 -42.47
C ALA D 125 13.57 29.08 -43.61
N SER D 126 13.48 30.36 -43.25
CA SER D 126 13.48 31.44 -44.21
C SER D 126 14.74 31.47 -45.06
N ALA D 127 15.82 30.85 -44.64
CA ALA D 127 17.04 30.82 -45.47
C ALA D 127 17.01 29.75 -46.55
N THR D 128 15.90 29.04 -46.70
CA THR D 128 15.77 27.94 -47.61
C THR D 128 14.60 28.18 -48.52
N LYS D 129 14.45 27.34 -49.53
CA LYS D 129 13.26 27.34 -50.42
C LYS D 129 12.27 26.26 -50.07
N ARG D 130 12.45 25.71 -48.86
CA ARG D 130 11.76 24.53 -48.40
C ARG D 130 11.13 24.77 -47.01
N ALA D 131 10.75 26.02 -46.68
CA ALA D 131 10.32 26.35 -45.31
C ALA D 131 9.27 25.37 -44.75
N ASP D 132 8.44 24.83 -45.64
CA ASP D 132 7.40 23.87 -45.28
C ASP D 132 7.97 22.56 -44.73
N LYS D 133 9.25 22.31 -45.01
CA LYS D 133 9.96 21.08 -44.56
C LYS D 133 11.04 21.27 -43.46
N VAL D 134 11.02 22.46 -42.87
CA VAL D 134 11.98 22.82 -41.85
C VAL D 134 11.22 22.82 -40.51
N ILE D 135 11.84 22.23 -39.47
CA ILE D 135 11.11 21.93 -38.23
C ILE D 135 12.11 21.81 -37.11
N GLY D 136 11.65 21.93 -35.87
CA GLY D 136 12.59 21.71 -34.75
C GLY D 136 12.26 20.32 -34.27
N MET D 137 13.29 19.56 -33.97
CA MET D 137 13.13 18.30 -33.33
C MET D 137 14.09 18.37 -32.16
N HIS D 138 13.54 18.67 -30.97
CA HIS D 138 14.36 19.03 -29.76
C HIS D 138 14.38 17.90 -28.77
N PHE D 139 15.61 17.36 -28.57
CA PHE D 139 15.84 16.22 -27.69
C PHE D 139 16.38 16.74 -26.34
N PHE D 140 16.39 15.85 -25.35
CA PHE D 140 16.92 16.14 -24.05
C PHE D 140 18.04 15.23 -23.63
N ASN D 141 19.08 15.84 -23.03
CA ASN D 141 20.29 15.13 -22.56
C ASN D 141 19.92 14.19 -21.41
N PRO D 142 20.26 12.88 -21.49
CA PRO D 142 20.81 12.09 -22.60
C PRO D 142 19.73 11.62 -23.58
N ALA D 143 19.91 11.96 -24.85
CA ALA D 143 18.92 11.79 -25.88
C ALA D 143 18.49 10.31 -26.07
N PRO D 144 19.41 9.34 -25.85
CA PRO D 144 18.94 7.96 -25.93
C PRO D 144 18.02 7.59 -24.84
N VAL D 145 18.07 8.30 -23.69
CA VAL D 145 17.30 7.85 -22.52
C VAL D 145 16.04 8.72 -22.44
N MET D 146 16.19 10.04 -22.62
CA MET D 146 15.04 10.93 -22.36
C MET D 146 13.96 10.66 -23.46
N LYS D 147 12.74 10.35 -23.04
CA LYS D 147 11.66 9.96 -23.97
C LYS D 147 11.00 11.07 -24.76
N LEU D 148 11.11 12.32 -24.30
CA LEU D 148 10.44 13.42 -24.97
C LEU D 148 11.17 13.91 -26.20
N VAL D 149 10.45 14.27 -27.26
CA VAL D 149 10.99 15.22 -28.18
C VAL D 149 9.98 16.34 -28.44
N GLU D 150 10.44 17.59 -28.30
CA GLU D 150 9.53 18.68 -28.65
C GLU D 150 9.65 18.85 -30.14
N VAL D 151 8.52 18.79 -30.82
CA VAL D 151 8.46 19.00 -32.23
C VAL D 151 7.95 20.42 -32.47
N ILE D 152 8.87 21.25 -32.92
CA ILE D 152 8.64 22.69 -32.93
C ILE D 152 8.30 23.14 -34.34
N ARG D 153 7.07 23.58 -34.51
CA ARG D 153 6.59 24.04 -35.79
C ARG D 153 6.96 25.49 -35.95
N GLY D 154 7.74 25.78 -36.99
CA GLY D 154 7.93 27.16 -37.45
C GLY D 154 6.65 27.68 -38.07
N ALA D 155 6.64 28.98 -38.35
CA ALA D 155 5.44 29.58 -38.89
C ALA D 155 4.94 28.81 -40.15
N ALA D 156 5.88 28.41 -41.00
CA ALA D 156 5.55 27.81 -42.33
C ALA D 156 5.61 26.27 -42.37
N THR D 157 5.97 25.66 -41.25
CA THR D 157 6.07 24.22 -41.19
C THR D 157 4.75 23.58 -41.54
N SER D 158 4.72 22.69 -42.56
CA SER D 158 3.43 22.13 -42.98
C SER D 158 2.92 21.07 -42.01
N GLN D 159 1.61 20.82 -42.08
CA GLN D 159 1.02 19.73 -41.38
C GLN D 159 1.69 18.37 -41.76
N GLU D 160 1.92 18.18 -43.06
CA GLU D 160 2.59 16.96 -43.56
C GLU D 160 3.93 16.75 -42.84
N THR D 161 4.76 17.80 -42.81
CA THR D 161 6.05 17.73 -42.18
C THR D 161 5.92 17.43 -40.70
N PHE D 162 4.98 18.11 -40.01
CA PHE D 162 4.80 17.77 -38.61
C PHE D 162 4.37 16.29 -38.42
N ASP D 163 3.39 15.84 -39.21
CA ASP D 163 2.97 14.43 -39.11
C ASP D 163 4.12 13.42 -39.32
N ALA D 164 4.97 13.69 -40.28
CA ALA D 164 6.09 12.81 -40.54
C ALA D 164 7.09 12.78 -39.36
N VAL D 165 7.42 13.94 -38.78
CA VAL D 165 8.32 13.98 -37.66
C VAL D 165 7.71 13.40 -36.40
N LYS D 166 6.40 13.62 -36.21
CA LYS D 166 5.68 12.97 -35.10
C LYS D 166 5.76 11.41 -35.21
N GLU D 167 5.52 10.91 -36.41
CA GLU D 167 5.61 9.46 -36.68
C GLU D 167 7.02 8.91 -36.48
N MET D 168 8.00 9.60 -37.01
CA MET D 168 9.41 9.23 -36.78
C MET D 168 9.76 9.17 -35.29
N SER D 169 9.36 10.20 -34.53
CA SER D 169 9.63 10.22 -33.12
C SER D 169 9.07 8.94 -32.47
N GLU D 170 7.84 8.59 -32.82
CA GLU D 170 7.22 7.43 -32.25
C GLU D 170 7.97 6.16 -32.68
N SER D 171 8.45 6.14 -33.92
CA SER D 171 9.08 4.94 -34.48
C SER D 171 10.35 4.69 -33.72
N ILE D 172 11.00 5.74 -33.22
CA ILE D 172 12.15 5.55 -32.37
C ILE D 172 11.83 5.52 -30.86
N GLY D 173 10.61 5.22 -30.48
CA GLY D 173 10.26 5.02 -29.06
C GLY D 173 10.13 6.35 -28.25
N LYS D 174 10.10 7.50 -28.91
CA LYS D 174 10.01 8.77 -28.15
C LYS D 174 8.57 9.23 -28.15
N THR D 175 8.26 10.19 -27.29
CA THR D 175 6.98 10.79 -27.25
C THR D 175 7.06 12.23 -27.77
N PRO D 176 6.53 12.52 -28.96
CA PRO D 176 6.68 13.85 -29.50
C PRO D 176 5.56 14.73 -28.92
N VAL D 177 5.81 16.02 -28.71
CA VAL D 177 4.74 16.99 -28.36
C VAL D 177 4.77 18.10 -29.36
N GLU D 178 3.61 18.54 -29.82
CA GLU D 178 3.52 19.61 -30.77
C GLU D 178 3.69 20.98 -30.06
N VAL D 179 4.61 21.78 -30.57
CA VAL D 179 4.91 23.09 -30.07
C VAL D 179 4.85 24.08 -31.21
N ALA D 180 3.95 25.08 -31.11
CA ALA D 180 4.02 26.26 -31.98
C ALA D 180 5.16 27.15 -31.53
N GLU D 181 6.18 27.41 -32.39
CA GLU D 181 7.41 28.08 -31.94
C GLU D 181 7.15 29.32 -31.06
N ALA D 182 7.81 29.37 -29.92
CA ALA D 182 7.73 30.49 -28.96
C ALA D 182 8.93 30.30 -28.06
N PRO D 183 9.36 31.35 -27.36
CA PRO D 183 10.61 31.29 -26.63
C PRO D 183 10.63 30.23 -25.54
N GLY D 184 11.69 29.41 -25.55
CA GLY D 184 11.81 28.35 -24.60
C GLY D 184 10.97 27.13 -24.86
N PHE D 185 10.12 27.17 -25.90
CA PHE D 185 9.19 26.09 -26.21
C PHE D 185 8.36 25.70 -24.93
N VAL D 186 8.35 24.45 -24.51
CA VAL D 186 7.68 24.08 -23.23
C VAL D 186 8.65 23.86 -22.11
N VAL D 187 9.52 22.86 -22.25
CA VAL D 187 10.30 22.41 -21.14
C VAL D 187 11.19 23.54 -20.60
N ASN D 188 12.00 24.17 -21.42
CA ASN D 188 13.00 25.12 -20.89
C ASN D 188 12.30 26.41 -20.37
N ARG D 189 11.17 26.74 -20.99
CA ARG D 189 10.39 27.91 -20.57
C ARG D 189 9.91 27.78 -19.10
N ILE D 190 9.64 26.56 -18.69
CA ILE D 190 9.22 26.26 -17.30
C ILE D 190 10.42 25.95 -16.47
N LEU D 191 11.30 25.04 -16.93
CA LEU D 191 12.38 24.56 -16.12
C LEU D 191 13.47 25.58 -15.73
N ILE D 192 13.99 26.29 -16.72
CA ILE D 192 15.15 27.17 -16.47
C ILE D 192 14.73 28.36 -15.52
N PRO D 193 13.53 28.94 -15.69
CA PRO D 193 13.08 29.98 -14.71
C PRO D 193 12.90 29.42 -13.30
N MET D 194 12.63 28.13 -13.18
CA MET D 194 12.64 27.51 -11.85
C MET D 194 14.03 27.53 -11.19
N ILE D 195 15.04 27.25 -11.99
CA ILE D 195 16.41 27.26 -11.50
C ILE D 195 16.80 28.69 -11.17
N ASN D 196 16.43 29.61 -12.05
CA ASN D 196 16.68 31.04 -11.80
C ASN D 196 15.97 31.50 -10.51
N GLU D 197 14.78 30.96 -10.22
CA GLU D 197 14.06 31.37 -8.97
C GLU D 197 14.85 30.94 -7.75
N ALA D 198 15.36 29.71 -7.84
CA ALA D 198 16.21 29.18 -6.74
C ALA D 198 17.43 30.09 -6.50
N THR D 199 17.98 30.63 -7.59
CA THR D 199 19.15 31.52 -7.45
C THR D 199 18.72 32.83 -6.77
N PHE D 200 17.49 33.28 -7.02
CA PHE D 200 16.98 34.51 -6.37
C PHE D 200 16.80 34.29 -4.87
N ILE D 201 16.35 33.10 -4.55
CA ILE D 201 16.05 32.68 -3.18
C ILE D 201 17.38 32.66 -2.41
N LEU D 202 18.41 32.09 -3.04
CA LEU D 202 19.76 32.13 -2.46
C LEU D 202 20.33 33.52 -2.36
N GLN D 203 20.23 34.30 -3.43
CA GLN D 203 20.72 35.67 -3.42
C GLN D 203 20.11 36.54 -2.31
N GLU D 204 18.84 36.30 -1.99
CA GLU D 204 18.06 37.12 -1.05
C GLU D 204 18.16 36.60 0.38
N GLY D 205 18.95 35.54 0.61
CA GLY D 205 19.19 35.08 1.99
C GLY D 205 18.03 34.27 2.55
N VAL D 206 17.18 33.68 1.74
CA VAL D 206 15.97 33.09 2.22
C VAL D 206 16.31 31.75 2.85
N ALA D 207 17.15 31.02 2.14
CA ALA D 207 17.62 29.67 2.50
C ALA D 207 18.95 29.37 1.91
N LYS D 208 19.65 28.43 2.51
CA LYS D 208 20.92 27.92 1.89
C LYS D 208 20.75 26.86 0.81
N GLU D 209 21.81 26.66 0.04
CA GLU D 209 21.82 25.81 -1.14
C GLU D 209 21.20 24.45 -0.89
N GLU D 210 21.74 23.73 0.09
CA GLU D 210 21.23 22.34 0.34
C GLU D 210 19.77 22.30 0.72
N ASP D 211 19.34 23.34 1.41
CA ASP D 211 18.01 23.39 1.95
C ASP D 211 17.04 23.70 0.83
N ILE D 212 17.46 24.56 -0.10
CA ILE D 212 16.64 24.82 -1.30
C ILE D 212 16.44 23.52 -2.06
N ASP D 213 17.54 22.79 -2.27
CA ASP D 213 17.45 21.60 -3.00
C ASP D 213 16.63 20.50 -2.29
N ALA D 214 16.88 20.33 -0.98
CA ALA D 214 16.08 19.34 -0.21
C ALA D 214 14.61 19.72 -0.26
N ALA D 215 14.31 21.03 -0.24
CA ALA D 215 12.90 21.41 -0.21
C ALA D 215 12.17 20.95 -1.46
N MET D 216 12.79 21.10 -2.63
CA MET D 216 12.08 20.70 -3.87
C MET D 216 11.97 19.16 -4.01
N LYS D 217 13.02 18.49 -3.57
CA LYS D 217 13.03 16.98 -3.59
C LYS D 217 11.98 16.44 -2.67
N LEU D 218 11.96 16.95 -1.45
CA LEU D 218 11.12 16.38 -0.41
C LEU D 218 9.78 17.02 -0.25
N GLY D 219 9.64 18.24 -0.75
CA GLY D 219 8.38 18.95 -0.71
C GLY D 219 7.54 18.87 -1.99
N ALA D 220 8.18 18.71 -3.14
CA ALA D 220 7.50 18.57 -4.40
C ALA D 220 7.83 17.29 -5.16
N ASN D 221 8.55 16.36 -4.54
CA ASN D 221 9.01 15.14 -5.24
C ASN D 221 9.77 15.29 -6.51
N HIS D 222 10.55 16.37 -6.61
CA HIS D 222 11.40 16.56 -7.73
C HIS D 222 12.58 15.61 -7.63
N PRO D 223 13.07 15.11 -8.76
CA PRO D 223 14.14 14.11 -8.74
C PRO D 223 15.47 14.68 -8.31
N MET D 224 15.68 15.96 -8.53
CA MET D 224 16.89 16.64 -8.15
C MET D 224 16.46 18.08 -7.73
N GLY D 225 17.23 18.73 -6.88
CA GLY D 225 16.92 20.08 -6.50
C GLY D 225 17.35 20.98 -7.65
N PRO D 226 16.81 22.22 -7.68
CA PRO D 226 17.09 23.10 -8.81
C PRO D 226 18.53 23.58 -8.93
N LEU D 227 19.21 23.76 -7.81
CA LEU D 227 20.61 24.20 -7.87
C LEU D 227 21.52 23.09 -8.37
N ALA D 228 21.35 21.89 -7.86
CA ALA D 228 22.07 20.72 -8.41
C ALA D 228 21.77 20.56 -9.88
N LEU D 229 20.52 20.79 -10.25
CA LEU D 229 20.09 20.68 -11.65
C LEU D 229 20.76 21.71 -12.54
N GLY D 230 20.89 22.93 -12.05
CA GLY D 230 21.59 23.92 -12.82
C GLY D 230 23.04 23.52 -13.07
N ASP D 231 23.67 22.99 -12.04
CA ASP D 231 25.07 22.57 -12.14
C ASP D 231 25.19 21.40 -13.17
N LEU D 232 24.15 20.56 -13.28
CA LEU D 232 24.14 19.51 -14.28
C LEU D 232 23.93 20.02 -15.67
N ILE D 233 23.00 20.94 -15.84
CA ILE D 233 22.74 21.50 -17.15
C ILE D 233 23.86 22.38 -17.62
N GLY D 234 24.50 23.07 -16.67
CA GLY D 234 25.50 24.08 -16.96
C GLY D 234 24.88 25.48 -16.67
N LEU D 235 25.52 26.24 -15.80
CA LEU D 235 25.00 27.54 -15.41
C LEU D 235 25.11 28.51 -16.53
N ASP D 236 26.06 28.29 -17.44
CA ASP D 236 26.18 29.08 -18.67
C ASP D 236 24.98 28.84 -19.53
N VAL D 237 24.53 27.59 -19.61
CA VAL D 237 23.38 27.22 -20.44
C VAL D 237 22.10 27.89 -19.85
N CYS D 238 21.96 27.79 -18.55
CA CYS D 238 20.80 28.39 -17.83
C CYS D 238 20.73 29.88 -18.04
N LEU D 239 21.88 30.56 -17.91
CA LEU D 239 21.97 31.98 -18.09
C LEU D 239 21.59 32.39 -19.51
N ALA D 240 22.14 31.67 -20.48
CA ALA D 240 21.93 31.98 -21.88
C ALA D 240 20.44 31.81 -22.15
N ILE D 241 19.83 30.75 -21.64
CA ILE D 241 18.36 30.51 -21.86
C ILE D 241 17.51 31.64 -21.21
N MET D 242 17.82 32.01 -19.98
CA MET D 242 17.12 33.18 -19.40
C MET D 242 17.29 34.42 -20.24
N ASP D 243 18.50 34.72 -20.72
CA ASP D 243 18.71 35.85 -21.62
C ASP D 243 17.88 35.80 -22.91
N VAL D 244 17.80 34.65 -23.57
CA VAL D 244 16.91 34.47 -24.74
C VAL D 244 15.48 34.77 -24.35
N LEU D 245 15.01 34.25 -23.22
CA LEU D 245 13.57 34.42 -22.85
C LEU D 245 13.35 35.90 -22.65
N TYR D 246 14.31 36.55 -22.00
CA TYR D 246 14.14 37.97 -21.72
C TYR D 246 14.22 38.80 -23.00
N ASN D 247 15.21 38.52 -23.83
CA ASN D 247 15.37 39.30 -25.07
C ASN D 247 14.25 39.08 -26.05
N GLU D 248 13.78 37.85 -26.17
CA GLU D 248 12.69 37.56 -27.11
C GLU D 248 11.35 38.21 -26.72
N THR D 249 11.06 38.12 -25.42
CA THR D 249 9.76 38.59 -24.86
C THR D 249 9.71 40.02 -24.45
N GLY D 250 10.88 40.61 -24.17
CA GLY D 250 10.95 41.93 -23.53
C GLY D 250 10.34 41.99 -22.11
N ASP D 251 10.20 40.83 -21.48
CA ASP D 251 9.47 40.70 -20.27
C ASP D 251 10.45 40.44 -19.16
N THR D 252 10.47 41.37 -18.22
CA THR D 252 11.26 41.37 -17.02
C THR D 252 11.03 40.19 -16.05
N LYS D 253 9.89 39.51 -16.20
CA LYS D 253 9.70 38.27 -15.60
C LYS D 253 10.93 37.31 -15.79
N TYR D 254 11.56 37.36 -16.98
CA TYR D 254 12.63 36.40 -17.32
C TYR D 254 14.08 36.91 -17.04
N ARG D 255 14.19 37.93 -16.18
CA ARG D 255 15.53 38.49 -15.87
C ARG D 255 16.33 37.56 -15.03
N ALA D 256 17.52 37.20 -15.54
CA ALA D 256 18.47 36.40 -14.73
C ALA D 256 18.88 37.10 -13.46
N SER D 257 19.10 36.35 -12.39
CA SER D 257 19.59 36.97 -11.19
C SER D 257 21.05 37.39 -11.43
N SER D 258 21.46 38.46 -10.75
CA SER D 258 22.88 38.89 -10.74
C SER D 258 23.81 37.75 -10.21
N LEU D 259 23.34 36.93 -9.29
CA LEU D 259 24.16 35.87 -8.76
C LEU D 259 24.48 34.83 -9.86
N LEU D 260 23.50 34.47 -10.70
CA LEU D 260 23.71 33.56 -11.81
C LEU D 260 24.77 34.16 -12.76
N ARG D 261 24.63 35.44 -13.14
CA ARG D 261 25.60 36.09 -14.01
C ARG D 261 27.00 36.04 -13.39
N LYS D 262 27.10 36.25 -12.08
CA LYS D 262 28.42 36.29 -11.41
C LYS D 262 29.08 34.91 -11.42
N TYR D 263 28.31 33.90 -11.14
CA TYR D 263 28.86 32.56 -11.20
C TYR D 263 29.35 32.21 -12.63
N VAL D 264 28.61 32.61 -13.67
CA VAL D 264 29.04 32.31 -15.03
C VAL D 264 30.34 33.10 -15.25
N ARG D 265 30.44 34.36 -14.80
CA ARG D 265 31.63 35.11 -15.00
C ARG D 265 32.86 34.53 -14.31
N ALA D 266 32.66 33.82 -13.19
CA ALA D 266 33.73 33.17 -12.45
C ALA D 266 34.23 31.87 -13.12
N GLY D 267 33.49 31.36 -14.10
CA GLY D 267 33.72 30.05 -14.65
C GLY D 267 33.21 28.94 -13.77
N TRP D 268 32.34 29.29 -12.82
CA TRP D 268 31.76 28.28 -11.96
C TRP D 268 30.49 27.81 -12.66
N LEU D 269 30.68 26.90 -13.62
CA LEU D 269 29.66 26.52 -14.55
C LEU D 269 28.89 25.26 -14.14
N GLY D 270 29.32 24.61 -13.07
CA GLY D 270 28.66 23.40 -12.59
C GLY D 270 29.58 22.18 -12.71
N ARG D 271 28.99 21.00 -12.87
CA ARG D 271 29.82 19.77 -12.91
C ARG D 271 30.96 19.90 -13.93
N LYS D 272 30.70 20.42 -15.13
CA LYS D 272 31.69 20.60 -16.23
C LYS D 272 32.98 21.21 -15.75
N THR D 273 32.90 22.10 -14.78
CA THR D 273 34.13 22.80 -14.34
C THR D 273 34.53 22.37 -12.94
N GLY D 274 33.82 21.42 -12.35
CA GLY D 274 34.06 21.00 -11.00
C GLY D 274 33.52 21.93 -9.92
N LYS D 275 32.82 23.02 -10.29
CA LYS D 275 32.24 23.94 -9.29
C LYS D 275 31.10 24.74 -9.96
N GLY D 276 29.91 24.71 -9.35
CA GLY D 276 28.89 25.73 -9.67
C GLY D 276 28.31 26.20 -8.34
N PHE D 277 27.03 25.98 -8.13
CA PHE D 277 26.45 26.17 -6.79
C PHE D 277 27.10 25.28 -5.73
N TYR D 278 27.54 24.09 -6.16
CA TYR D 278 28.28 23.16 -5.31
C TYR D 278 29.72 22.99 -5.82
N ASP D 279 30.59 22.56 -4.92
CA ASP D 279 31.98 22.31 -5.28
C ASP D 279 32.08 20.81 -5.58
N TYR D 280 32.41 20.42 -6.80
CA TYR D 280 32.49 18.98 -7.14
C TYR D 280 33.92 18.42 -7.12
N SER D 281 34.93 19.26 -7.31
CA SER D 281 36.33 18.86 -7.11
C SER D 281 36.92 19.67 -5.92
N LYS D 282 36.70 19.22 -4.69
CA LYS D 282 36.04 17.94 -4.40
C LYS D 282 34.80 18.20 -3.52
#